data_9AWX
#
_entry.id   9AWX
#
_cell.length_a   46.415
_cell.length_b   63.235
_cell.length_c   86.721
_cell.angle_alpha   84.354
_cell.angle_beta   85.996
_cell.angle_gamma   80.649
#
_symmetry.space_group_name_H-M   'P 1'
#
loop_
_entity.id
_entity.type
_entity.pdbx_description
1 polymer 'H9 Immunoglobulin Light Chain'
2 non-polymer 'PHOSPHATE ION'
3 non-polymer "N-{1-[(4R)-imidazo[1,5-a]pyrazin-8-yl]azetidin-3-yl}-N'-(2-{6-methyl-4-[(3R)-3-methyl-3-phenylpyrrolidin-1-yl]-2-oxopyridin-1(2H)-yl}ethyl)urea"
4 water water
#
_entity_poly.entity_id   1
_entity_poly.type   'polypeptide(L)'
_entity_poly.pdbx_seq_one_letter_code
;QSALTQPPSASGSPGQSVTISCTGTSSDVGGSDSVSWYQQHPGKAPKLIIYEVSQRPSGVPNRFSGSKSGNTASLTVSGL
QAEDDADYYCSSYGGDNNLFFGGGTKVTVLGQPKAAPSVTLFPPSSEELQANKATLVCLISDFYPGAVTVAWKADSSPVK
AGVETTTPSKQSNNKYAASSYLSLTPEQWKSHRSYSCQVTHEGSTVEKTVAPTECS
;
_entity_poly.pdbx_strand_id   A,B,C,D
#
loop_
_chem_comp.id
_chem_comp.type
_chem_comp.name
_chem_comp.formula
A1AHP non-polymer N-{1-[(4R)-imidazo[1,5-a]pyrazin-8-yl]azetidin-3-yl}-N'-(2-{6-methyl-4-[(3R)-3-methyl-3-phenylpyrrolidin-1-yl]-2-oxopyridin-1(2H)-yl}ethyl)urea 'C29 H34 N8 O2'
PO4 non-polymer 'PHOSPHATE ION' 'O4 P -3'
#
# COMPACT_ATOMS: atom_id res chain seq x y z
N GLN A 1 -22.65 -7.16 -17.74
CA GLN A 1 -23.56 -8.18 -18.37
C GLN A 1 -22.89 -8.91 -19.53
N SER A 2 -22.10 -8.19 -20.33
CA SER A 2 -21.27 -8.87 -21.32
C SER A 2 -20.31 -9.83 -20.65
N ALA A 3 -20.10 -10.97 -21.28
CA ALA A 3 -19.07 -11.90 -20.91
C ALA A 3 -17.96 -11.92 -21.92
N LEU A 4 -18.01 -11.06 -22.96
CA LEU A 4 -17.07 -11.20 -24.06
C LEU A 4 -15.76 -10.51 -23.71
N THR A 5 -14.69 -11.29 -23.63
CA THR A 5 -13.34 -10.76 -23.35
C THR A 5 -12.51 -10.76 -24.63
N GLN A 6 -11.95 -9.57 -24.93
CA GLN A 6 -10.95 -9.48 -26.02
C GLN A 6 -9.66 -8.95 -25.44
N PRO A 7 -8.53 -9.46 -25.88
CA PRO A 7 -7.24 -8.80 -25.49
C PRO A 7 -7.30 -7.34 -25.88
N PRO A 8 -6.70 -6.48 -25.07
CA PRO A 8 -6.77 -5.04 -25.39
C PRO A 8 -6.00 -4.65 -26.63
N SER A 9 -4.94 -5.36 -27.02
CA SER A 9 -4.16 -4.94 -28.18
C SER A 9 -3.48 -6.09 -28.86
N ALA A 10 -3.10 -5.86 -30.12
CA ALA A 10 -2.24 -6.77 -30.85
C ALA A 10 -1.46 -5.90 -31.82
N SER A 11 -0.38 -6.44 -32.36
CA SER A 11 0.36 -5.73 -33.37
C SER A 11 1.10 -6.68 -34.28
N GLY A 12 1.47 -6.16 -35.46
CA GLY A 12 2.38 -6.82 -36.38
C GLY A 12 2.99 -5.82 -37.33
N SER A 13 4.09 -6.26 -38.07
CA SER A 13 4.56 -5.41 -39.17
C SER A 13 3.83 -5.72 -40.46
N PRO A 14 3.87 -4.82 -41.42
CA PRO A 14 3.27 -5.11 -42.73
C PRO A 14 3.62 -6.48 -43.23
N GLY A 15 2.60 -7.17 -43.79
CA GLY A 15 2.76 -8.48 -44.28
C GLY A 15 2.79 -9.55 -43.26
N GLN A 16 2.80 -9.23 -41.99
CA GLN A 16 2.63 -10.30 -40.99
C GLN A 16 1.14 -10.63 -40.77
N SER A 17 0.93 -11.68 -40.01
CA SER A 17 -0.41 -12.07 -39.55
C SER A 17 -0.58 -11.76 -38.08
N VAL A 18 -1.83 -11.51 -37.70
CA VAL A 18 -2.21 -11.26 -36.31
C VAL A 18 -3.52 -12.02 -36.10
N THR A 19 -3.63 -12.72 -34.98
CA THR A 19 -4.87 -13.33 -34.57
C THR A 19 -5.30 -12.77 -33.24
N ILE A 20 -6.59 -12.44 -33.15
CA ILE A 20 -7.17 -11.86 -31.92
C ILE A 20 -8.38 -12.64 -31.53
N SER A 21 -8.59 -12.72 -30.20
CA SER A 21 -9.53 -13.62 -29.61
C SER A 21 -10.68 -12.89 -28.93
N CYS A 22 -11.79 -13.63 -28.78
CA CYS A 22 -13.07 -13.16 -28.29
C CYS A 22 -13.67 -14.32 -27.50
N THR A 23 -13.44 -14.31 -26.20
CA THR A 23 -13.84 -15.38 -25.27
C THR A 23 -15.12 -15.03 -24.51
N GLY A 24 -16.08 -15.93 -24.57
CA GLY A 24 -17.36 -15.83 -23.90
C GLY A 24 -17.65 -17.09 -23.11
N THR A 25 -18.92 -17.41 -23.03
CA THR A 25 -19.41 -18.55 -22.24
C THR A 25 -20.20 -19.45 -23.17
N SER A 26 -20.64 -20.58 -22.64
CA SER A 26 -21.41 -21.53 -23.44
C SER A 26 -22.72 -20.94 -23.89
N SER A 27 -23.25 -19.96 -23.17
CA SER A 27 -24.54 -19.42 -23.53
C SER A 27 -24.47 -18.30 -24.58
N ASP A 28 -23.28 -17.84 -24.96
CA ASP A 28 -23.13 -16.78 -25.97
C ASP A 28 -22.24 -17.34 -27.06
N VAL A 29 -20.92 -17.14 -26.98
CA VAL A 29 -20.02 -17.60 -28.05
C VAL A 29 -20.17 -19.10 -28.33
N GLY A 30 -20.19 -19.92 -27.27
CA GLY A 30 -20.21 -21.33 -27.55
C GLY A 30 -21.60 -21.92 -27.77
N GLY A 31 -22.63 -21.09 -27.80
CA GLY A 31 -23.98 -21.60 -27.92
C GLY A 31 -24.61 -21.48 -29.26
N SER A 32 -23.92 -20.88 -30.22
CA SER A 32 -24.42 -20.82 -31.61
C SER A 32 -23.30 -20.31 -32.48
N ASP A 33 -23.59 -20.24 -33.80
CA ASP A 33 -22.62 -19.76 -34.78
C ASP A 33 -22.93 -18.31 -35.13
N SER A 34 -22.95 -17.43 -34.13
CA SER A 34 -23.50 -16.11 -34.35
C SER A 34 -22.46 -15.03 -34.03
N VAL A 35 -21.19 -15.33 -34.04
CA VAL A 35 -20.17 -14.32 -33.74
C VAL A 35 -19.99 -13.38 -34.94
N SER A 36 -19.93 -12.09 -34.65
CA SER A 36 -19.59 -11.13 -35.66
C SER A 36 -18.34 -10.37 -35.26
N TRP A 37 -17.69 -9.77 -36.23
CA TRP A 37 -16.52 -8.91 -36.01
C TRP A 37 -16.70 -7.61 -36.78
N TYR A 38 -16.27 -6.50 -36.15
CA TYR A 38 -16.42 -5.15 -36.69
C TYR A 38 -15.10 -4.42 -36.61
N GLN A 39 -14.81 -3.66 -37.62
CA GLN A 39 -13.62 -2.86 -37.75
C GLN A 39 -13.99 -1.40 -37.63
N GLN A 40 -13.22 -0.64 -36.86
CA GLN A 40 -13.45 0.81 -36.80
C GLN A 40 -12.13 1.54 -36.83
N HIS A 41 -11.96 2.32 -37.86
CA HIS A 41 -10.83 3.30 -37.86
C HIS A 41 -11.25 4.47 -36.98
N PRO A 42 -10.35 4.98 -36.16
CA PRO A 42 -10.76 5.96 -35.13
C PRO A 42 -11.46 7.15 -35.75
N GLY A 43 -12.56 7.53 -35.14
CA GLY A 43 -13.36 8.67 -35.59
C GLY A 43 -14.19 8.45 -36.82
N LYS A 44 -14.23 7.23 -37.36
CA LYS A 44 -15.05 6.91 -38.50
C LYS A 44 -16.06 5.84 -38.13
N ALA A 45 -17.08 5.68 -38.94
CA ALA A 45 -18.12 4.68 -38.65
C ALA A 45 -17.52 3.29 -38.71
N PRO A 46 -17.94 2.37 -37.86
CA PRO A 46 -17.49 0.97 -37.99
C PRO A 46 -18.08 0.28 -39.21
N LYS A 47 -17.54 -0.91 -39.48
CA LYS A 47 -17.98 -1.78 -40.56
C LYS A 47 -18.00 -3.25 -40.11
N LEU A 48 -19.08 -3.94 -40.46
CA LEU A 48 -19.11 -5.39 -40.24
C LEU A 48 -18.13 -6.07 -41.18
N ILE A 49 -17.18 -6.82 -40.68
CA ILE A 49 -16.26 -7.58 -41.54
C ILE A 49 -16.39 -9.12 -41.43
N ILE A 50 -17.07 -9.64 -40.38
CA ILE A 50 -17.31 -11.08 -40.32
C ILE A 50 -18.67 -11.19 -39.65
N TYR A 51 -19.49 -12.15 -40.14
CA TYR A 51 -20.75 -12.50 -39.48
C TYR A 51 -20.87 -14.04 -39.50
N GLU A 52 -21.67 -14.53 -38.59
CA GLU A 52 -21.80 -15.97 -38.39
C GLU A 52 -20.48 -16.70 -38.41
N VAL A 53 -19.60 -16.26 -37.51
CA VAL A 53 -18.28 -16.84 -37.20
C VAL A 53 -17.26 -16.61 -38.32
N SER A 54 -17.65 -16.95 -39.53
CA SER A 54 -16.72 -17.00 -40.68
C SER A 54 -17.07 -16.30 -41.99
N GLN A 55 -18.23 -15.72 -42.11
CA GLN A 55 -18.71 -15.12 -43.35
C GLN A 55 -18.21 -13.69 -43.50
N ARG A 56 -17.56 -13.40 -44.67
CA ARG A 56 -17.21 -12.04 -45.05
C ARG A 56 -18.32 -11.45 -45.88
N PRO A 57 -18.74 -10.27 -45.51
CA PRO A 57 -19.54 -9.45 -46.41
C PRO A 57 -18.79 -9.11 -47.68
N SER A 58 -19.56 -8.76 -48.69
CA SER A 58 -19.02 -8.31 -49.97
C SER A 58 -18.05 -7.18 -49.75
N GLY A 59 -16.90 -7.27 -50.46
CA GLY A 59 -15.91 -6.22 -50.38
C GLY A 59 -14.85 -6.38 -49.29
N VAL A 60 -15.04 -7.30 -48.37
CA VAL A 60 -14.02 -7.60 -47.32
C VAL A 60 -13.08 -8.61 -47.90
N PRO A 61 -11.77 -8.32 -47.95
CA PRO A 61 -10.82 -9.24 -48.58
C PRO A 61 -10.72 -10.50 -47.78
N ASN A 62 -10.26 -11.56 -48.46
CA ASN A 62 -10.12 -12.87 -47.81
C ASN A 62 -8.91 -12.97 -46.94
N ARG A 63 -8.16 -11.88 -46.78
CA ARG A 63 -7.15 -11.85 -45.74
C ARG A 63 -7.78 -11.90 -44.37
N PHE A 64 -9.04 -11.51 -44.23
CA PHE A 64 -9.76 -11.58 -42.94
C PHE A 64 -10.48 -12.91 -42.84
N SER A 65 -10.19 -13.66 -41.79
CA SER A 65 -10.97 -14.89 -41.59
C SER A 65 -11.35 -15.08 -40.10
N GLY A 66 -12.47 -15.72 -39.92
CA GLY A 66 -13.08 -15.89 -38.59
C GLY A 66 -13.27 -17.38 -38.32
N SER A 67 -12.93 -17.83 -37.09
CA SER A 67 -13.22 -19.16 -36.68
C SER A 67 -13.68 -19.13 -35.22
N LYS A 68 -13.99 -20.32 -34.71
CA LYS A 68 -14.45 -20.49 -33.35
C LYS A 68 -14.09 -21.90 -32.89
N SER A 69 -13.74 -22.03 -31.62
CA SER A 69 -13.56 -23.31 -30.94
C SER A 69 -14.05 -23.17 -29.50
N GLY A 70 -15.03 -23.97 -29.11
CA GLY A 70 -15.57 -23.87 -27.76
C GLY A 70 -16.15 -22.48 -27.52
N ASN A 71 -15.71 -21.84 -26.45
CA ASN A 71 -16.27 -20.55 -26.13
C ASN A 71 -15.37 -19.43 -26.57
N THR A 72 -14.43 -19.69 -27.47
CA THR A 72 -13.55 -18.67 -27.99
C THR A 72 -13.59 -18.58 -29.51
N ALA A 73 -13.90 -17.39 -30.02
CA ALA A 73 -13.86 -17.07 -31.45
C ALA A 73 -12.56 -16.32 -31.71
N SER A 74 -12.09 -16.41 -32.98
CA SER A 74 -10.85 -15.78 -33.36
C SER A 74 -10.94 -15.16 -34.75
N LEU A 75 -10.37 -13.96 -34.85
CA LEU A 75 -10.26 -13.22 -36.10
C LEU A 75 -8.81 -13.24 -36.46
N THR A 76 -8.51 -13.66 -37.68
CA THR A 76 -7.15 -13.64 -38.20
C THR A 76 -7.07 -12.69 -39.37
N VAL A 77 -6.02 -11.89 -39.37
CA VAL A 77 -5.83 -10.85 -40.38
C VAL A 77 -4.46 -11.17 -40.94
N SER A 78 -4.40 -11.85 -42.08
CA SER A 78 -3.12 -12.18 -42.71
C SER A 78 -2.71 -11.00 -43.62
N GLY A 79 -1.42 -10.97 -43.94
CA GLY A 79 -0.97 -9.97 -44.87
C GLY A 79 -1.26 -8.56 -44.38
N LEU A 80 -0.83 -8.24 -43.15
CA LEU A 80 -1.24 -6.92 -42.61
C LEU A 80 -0.87 -5.79 -43.55
N GLN A 81 -1.79 -4.85 -43.71
CA GLN A 81 -1.60 -3.69 -44.55
C GLN A 81 -1.88 -2.47 -43.70
N ALA A 82 -1.36 -1.31 -44.12
CA ALA A 82 -1.54 -0.10 -43.30
C ALA A 82 -3.00 0.16 -42.98
N GLU A 83 -3.90 -0.13 -43.91
CA GLU A 83 -5.35 0.16 -43.71
C GLU A 83 -6.00 -0.73 -42.64
N ASP A 84 -5.26 -1.74 -42.14
CA ASP A 84 -5.80 -2.68 -41.18
C ASP A 84 -5.67 -2.17 -39.77
N ASP A 85 -4.81 -1.15 -39.59
CA ASP A 85 -4.67 -0.48 -38.36
C ASP A 85 -5.97 0.16 -37.88
N ALA A 86 -6.53 -0.40 -36.82
CA ALA A 86 -7.90 -0.08 -36.41
C ALA A 86 -8.24 -0.79 -35.11
N ASP A 87 -9.41 -0.49 -34.58
CA ASP A 87 -10.00 -1.22 -33.46
C ASP A 87 -10.95 -2.29 -33.99
N TYR A 88 -10.86 -3.45 -33.38
CA TYR A 88 -11.70 -4.57 -33.79
C TYR A 88 -12.56 -4.97 -32.61
N TYR A 89 -13.86 -5.20 -32.88
CA TYR A 89 -14.79 -5.68 -31.87
C TYR A 89 -15.44 -6.96 -32.31
N CYS A 90 -15.78 -7.83 -31.34
CA CYS A 90 -16.69 -8.95 -31.57
C CYS A 90 -18.03 -8.75 -30.95
N SER A 91 -18.98 -9.55 -31.44
CA SER A 91 -20.28 -9.72 -30.77
C SER A 91 -20.76 -11.16 -30.95
N SER A 92 -21.70 -11.52 -30.09
CA SER A 92 -22.37 -12.80 -30.19
C SER A 92 -23.76 -12.64 -29.60
N TYR A 93 -24.71 -13.38 -30.13
CA TYR A 93 -25.96 -13.54 -29.44
C TYR A 93 -25.75 -14.38 -28.23
N GLY A 94 -26.69 -14.28 -27.28
CA GLY A 94 -26.54 -15.11 -26.09
C GLY A 94 -27.80 -15.46 -25.31
N GLY A 95 -28.86 -15.88 -25.98
CA GLY A 95 -30.06 -16.34 -25.27
C GLY A 95 -31.01 -15.24 -24.80
N ASP A 96 -32.30 -15.39 -25.13
CA ASP A 96 -33.33 -14.41 -24.78
C ASP A 96 -33.13 -13.13 -25.60
N ASN A 97 -32.86 -13.31 -26.90
CA ASN A 97 -32.67 -12.19 -27.82
C ASN A 97 -31.77 -11.12 -27.19
N ASN A 98 -30.58 -11.54 -26.74
CA ASN A 98 -29.60 -10.62 -26.21
C ASN A 98 -28.37 -10.67 -27.09
N LEU A 99 -27.85 -9.48 -27.41
CA LEU A 99 -26.58 -9.31 -28.13
C LEU A 99 -25.54 -8.80 -27.18
N PHE A 100 -24.36 -9.41 -27.19
CA PHE A 100 -23.25 -9.08 -26.29
C PHE A 100 -22.05 -8.67 -27.12
N PHE A 101 -21.31 -7.67 -26.65
CA PHE A 101 -20.15 -7.13 -27.35
C PHE A 101 -18.89 -7.32 -26.51
N GLY A 102 -17.76 -7.53 -27.21
CA GLY A 102 -16.46 -7.47 -26.60
C GLY A 102 -15.98 -6.01 -26.42
N GLY A 103 -14.92 -5.85 -25.65
CA GLY A 103 -14.44 -4.51 -25.33
C GLY A 103 -13.56 -3.88 -26.43
N GLY A 104 -13.26 -4.63 -27.46
CA GLY A 104 -12.45 -4.15 -28.56
C GLY A 104 -10.96 -4.44 -28.35
N THR A 105 -10.27 -4.62 -29.51
CA THR A 105 -8.83 -4.82 -29.58
C THR A 105 -8.21 -3.80 -30.54
N LYS A 106 -7.22 -3.04 -30.05
CA LYS A 106 -6.53 -2.10 -30.92
C LYS A 106 -5.42 -2.83 -31.65
N VAL A 107 -5.48 -2.88 -32.95
CA VAL A 107 -4.47 -3.56 -33.78
C VAL A 107 -3.61 -2.49 -34.44
N THR A 108 -2.31 -2.54 -34.14
CA THR A 108 -1.37 -1.62 -34.70
C THR A 108 -0.53 -2.32 -35.74
N VAL A 109 -0.41 -1.70 -36.90
CA VAL A 109 0.56 -2.09 -37.91
C VAL A 109 1.83 -1.28 -37.63
N LEU A 110 2.87 -1.94 -37.15
CA LEU A 110 3.98 -1.22 -36.47
C LEU A 110 4.62 -0.21 -37.41
N GLY A 111 4.59 1.03 -37.00
CA GLY A 111 5.18 2.13 -37.77
C GLY A 111 6.58 2.54 -37.31
N GLN A 112 7.11 1.89 -36.28
CA GLN A 112 8.38 2.18 -35.65
C GLN A 112 8.66 1.02 -34.73
N PRO A 113 9.83 0.95 -34.15
CA PRO A 113 10.10 -0.10 -33.16
C PRO A 113 9.18 -0.07 -31.94
N LYS A 114 8.85 -1.26 -31.46
CA LYS A 114 8.21 -1.47 -30.16
C LYS A 114 9.12 -0.93 -29.05
N ALA A 115 8.50 -0.39 -28.01
CA ALA A 115 9.18 0.26 -26.90
C ALA A 115 8.34 -0.03 -25.68
N ALA A 116 8.90 -0.71 -24.66
CA ALA A 116 8.06 -0.93 -23.50
C ALA A 116 7.99 0.36 -22.64
N PRO A 117 6.91 0.54 -21.89
CA PRO A 117 6.72 1.80 -21.15
C PRO A 117 7.66 1.87 -19.96
N SER A 118 8.11 3.09 -19.70
CA SER A 118 8.68 3.40 -18.40
C SER A 118 7.48 3.72 -17.45
N VAL A 119 7.45 3.10 -16.29
CA VAL A 119 6.33 3.21 -15.35
C VAL A 119 6.88 3.74 -14.01
N THR A 120 6.36 4.88 -13.58
CA THR A 120 6.72 5.48 -12.31
C THR A 120 5.44 5.74 -11.51
N LEU A 121 5.41 5.25 -10.30
CA LEU A 121 4.23 5.38 -9.43
C LEU A 121 4.54 6.32 -8.25
N PHE A 122 3.75 7.39 -8.13
CA PHE A 122 4.03 8.43 -7.14
C PHE A 122 2.99 8.31 -6.03
N PRO A 123 3.42 8.17 -4.77
CA PRO A 123 2.47 8.33 -3.63
C PRO A 123 2.04 9.76 -3.40
N PRO A 124 1.10 9.99 -2.45
CA PRO A 124 0.57 11.34 -2.23
C PRO A 124 1.65 12.31 -1.84
N SER A 125 1.62 13.50 -2.46
CA SER A 125 2.59 14.57 -2.11
C SER A 125 2.10 15.24 -0.83
N SER A 126 3.01 15.69 0.03
CA SER A 126 2.67 16.38 1.30
C SER A 126 1.64 17.49 1.11
N GLU A 127 1.83 18.34 0.08
CA GLU A 127 0.86 19.44 -0.10
C GLU A 127 -0.59 18.94 -0.25
N GLU A 128 -0.82 17.96 -1.18
CA GLU A 128 -2.20 17.54 -1.38
C GLU A 128 -2.79 16.86 -0.13
N LEU A 129 -1.98 16.11 0.64
CA LEU A 129 -2.52 15.49 1.86
C LEU A 129 -2.97 16.56 2.86
N GLN A 130 -2.18 17.62 3.02
CA GLN A 130 -2.61 18.77 3.82
C GLN A 130 -3.84 19.44 3.27
N ALA A 131 -4.17 19.19 2.00
CA ALA A 131 -5.46 19.60 1.44
C ALA A 131 -6.52 18.49 1.45
N ASN A 132 -6.35 17.43 2.25
CA ASN A 132 -7.33 16.32 2.35
C ASN A 132 -7.50 15.57 1.05
N LYS A 133 -6.43 15.46 0.25
CA LYS A 133 -6.48 14.64 -0.97
C LYS A 133 -5.30 13.69 -0.97
N ALA A 134 -5.50 12.47 -1.49
CA ALA A 134 -4.40 11.53 -1.51
C ALA A 134 -4.26 10.92 -2.91
N THR A 135 -4.45 11.73 -3.94
CA THR A 135 -4.39 11.24 -5.30
C THR A 135 -3.01 10.61 -5.55
N LEU A 136 -2.99 9.39 -6.12
CA LEU A 136 -1.77 8.76 -6.57
C LEU A 136 -1.67 8.90 -8.06
N VAL A 137 -0.46 8.93 -8.56
CA VAL A 137 -0.27 9.04 -10.01
C VAL A 137 0.71 7.98 -10.50
N CYS A 138 0.33 7.35 -11.59
CA CYS A 138 1.14 6.37 -12.31
C CYS A 138 1.49 6.92 -13.69
N LEU A 139 2.75 7.29 -13.85
CA LEU A 139 3.23 7.92 -15.07
C LEU A 139 3.78 6.82 -15.99
N ILE A 140 3.37 6.83 -17.26
CA ILE A 140 3.68 5.76 -18.19
C ILE A 140 4.21 6.44 -19.45
N SER A 141 5.50 6.31 -19.71
CA SER A 141 6.03 7.05 -20.86
C SER A 141 6.92 6.20 -21.78
N ASP A 142 7.23 6.75 -22.95
CA ASP A 142 8.23 6.15 -23.84
C ASP A 142 7.82 4.79 -24.39
N PHE A 143 6.56 4.67 -24.79
CA PHE A 143 6.06 3.36 -25.24
C PHE A 143 5.52 3.43 -26.69
N TYR A 144 5.63 2.30 -27.32
CA TYR A 144 5.07 2.21 -28.69
C TYR A 144 4.72 0.74 -28.90
N PRO A 145 3.54 0.41 -29.50
CA PRO A 145 2.45 1.23 -29.92
C PRO A 145 1.84 2.04 -28.72
N GLY A 146 1.01 2.98 -29.04
CA GLY A 146 0.42 3.85 -28.08
C GLY A 146 -0.88 3.31 -27.50
N ALA A 147 -0.95 2.04 -27.26
CA ALA A 147 -2.09 1.38 -26.62
C ALA A 147 -1.58 0.83 -25.29
N VAL A 148 -2.23 1.21 -24.21
CA VAL A 148 -1.81 0.76 -22.86
C VAL A 148 -3.07 0.59 -22.01
N THR A 149 -3.17 -0.48 -21.24
CA THR A 149 -4.25 -0.65 -20.28
C THR A 149 -3.71 -0.55 -18.86
N VAL A 150 -4.50 0.04 -17.99
CA VAL A 150 -4.05 0.29 -16.64
C VAL A 150 -5.09 -0.23 -15.67
N ALA A 151 -4.65 -0.93 -14.68
CA ALA A 151 -5.58 -1.34 -13.61
C ALA A 151 -4.94 -0.96 -12.29
N TRP A 152 -5.78 -0.66 -11.28
CA TRP A 152 -5.26 -0.42 -9.93
C TRP A 152 -5.77 -1.45 -8.94
N LYS A 153 -4.97 -1.73 -7.94
CA LYS A 153 -5.34 -2.56 -6.83
C LYS A 153 -5.23 -1.79 -5.53
N ALA A 154 -6.26 -1.97 -4.67
CA ALA A 154 -6.16 -1.65 -3.24
C ALA A 154 -5.81 -2.93 -2.48
N ASP A 155 -4.63 -2.98 -1.90
CA ASP A 155 -4.04 -4.25 -1.50
C ASP A 155 -3.97 -5.16 -2.70
N SER A 156 -4.74 -6.25 -2.70
CA SER A 156 -4.85 -7.09 -3.90
C SER A 156 -6.19 -6.98 -4.56
N SER A 157 -7.05 -6.16 -4.09
CA SER A 157 -8.38 -6.05 -4.66
C SER A 157 -8.39 -5.04 -5.81
N PRO A 158 -8.93 -5.41 -6.94
CA PRO A 158 -9.23 -4.43 -7.99
C PRO A 158 -9.97 -3.20 -7.47
N VAL A 159 -9.47 -2.03 -7.87
CA VAL A 159 -10.08 -0.73 -7.53
C VAL A 159 -11.09 -0.39 -8.62
N LYS A 160 -12.33 -0.18 -8.21
CA LYS A 160 -13.41 0.03 -9.18
C LYS A 160 -13.82 1.50 -9.36
N ALA A 161 -13.29 2.43 -8.55
CA ALA A 161 -13.75 3.81 -8.64
C ALA A 161 -12.59 4.77 -8.36
N GLY A 162 -12.73 5.99 -8.89
CA GLY A 162 -11.75 7.03 -8.71
C GLY A 162 -10.56 6.91 -9.63
N VAL A 163 -10.60 6.02 -10.59
CA VAL A 163 -9.50 5.86 -11.56
C VAL A 163 -9.75 6.70 -12.81
N GLU A 164 -8.71 7.41 -13.27
CA GLU A 164 -8.77 8.08 -14.58
C GLU A 164 -7.46 7.83 -15.30
N THR A 165 -7.55 7.67 -16.59
CA THR A 165 -6.34 7.46 -17.41
C THR A 165 -6.44 8.28 -18.67
N THR A 166 -5.39 9.02 -18.98
CA THR A 166 -5.42 9.91 -20.09
C THR A 166 -5.21 9.11 -21.39
N THR A 167 -5.76 9.64 -22.47
CA THR A 167 -5.53 9.06 -23.75
C THR A 167 -4.07 9.27 -24.16
N PRO A 168 -3.34 8.18 -24.52
CA PRO A 168 -1.90 8.31 -24.83
C PRO A 168 -1.65 9.26 -25.96
N SER A 169 -0.66 10.12 -25.76
CA SER A 169 -0.34 11.20 -26.72
C SER A 169 1.12 11.11 -27.10
N LYS A 170 1.43 11.21 -28.38
CA LYS A 170 2.79 11.04 -28.86
C LYS A 170 3.65 12.24 -28.43
N GLN A 171 4.80 11.97 -27.81
CA GLN A 171 5.62 13.04 -27.22
C GLN A 171 6.76 13.42 -28.16
N SER A 172 7.65 14.33 -27.75
CA SER A 172 8.60 14.90 -28.68
C SER A 172 9.57 13.86 -29.18
N ASN A 173 9.84 12.77 -28.42
CA ASN A 173 10.71 11.68 -28.94
C ASN A 173 9.92 10.68 -29.84
N ASN A 174 8.69 11.00 -30.20
CA ASN A 174 7.78 10.19 -31.05
C ASN A 174 7.35 8.89 -30.40
N LYS A 175 7.54 8.74 -29.09
CA LYS A 175 6.89 7.67 -28.33
C LYS A 175 5.76 8.28 -27.50
N TYR A 176 4.83 7.40 -27.11
CA TYR A 176 3.62 7.85 -26.42
C TYR A 176 3.78 7.91 -24.92
N ALA A 177 3.00 8.77 -24.29
CA ALA A 177 2.94 8.86 -22.85
C ALA A 177 1.48 9.02 -22.41
N ALA A 178 1.29 8.66 -21.16
CA ALA A 178 0.00 8.81 -20.46
C ALA A 178 0.23 8.75 -18.96
N SER A 179 -0.85 9.08 -18.20
CA SER A 179 -0.88 9.08 -16.76
C SER A 179 -2.21 8.49 -16.38
N SER A 180 -2.19 7.65 -15.37
CA SER A 180 -3.39 7.18 -14.70
C SER A 180 -3.36 7.77 -13.29
N TYR A 181 -4.51 8.19 -12.79
CA TYR A 181 -4.46 8.69 -11.43
C TYR A 181 -5.69 8.20 -10.68
N LEU A 182 -5.48 7.93 -9.41
CA LEU A 182 -6.46 7.33 -8.50
C LEU A 182 -6.68 8.30 -7.33
N SER A 183 -7.91 8.83 -7.25
CA SER A 183 -8.25 9.96 -6.41
C SER A 183 -8.72 9.40 -5.07
N LEU A 184 -7.74 9.00 -4.25
CA LEU A 184 -8.04 8.49 -2.90
C LEU A 184 -8.25 9.60 -1.91
N THR A 185 -9.07 9.30 -0.87
CA THR A 185 -9.02 10.15 0.32
C THR A 185 -7.84 9.75 1.19
N PRO A 186 -7.44 10.66 2.06
CA PRO A 186 -6.37 10.30 3.00
C PRO A 186 -6.67 9.09 3.85
N GLU A 187 -7.92 8.94 4.30
CA GLU A 187 -8.30 7.76 5.07
C GLU A 187 -8.07 6.47 4.28
N GLN A 188 -8.55 6.45 3.05
CA GLN A 188 -8.36 5.29 2.20
C GLN A 188 -6.88 4.97 2.09
N TRP A 189 -6.06 6.00 1.82
CA TRP A 189 -4.63 5.78 1.62
C TRP A 189 -3.95 5.26 2.87
N LYS A 190 -4.22 5.88 4.02
CA LYS A 190 -3.47 5.52 5.22
C LYS A 190 -3.88 4.20 5.81
N SER A 191 -5.06 3.74 5.49
CA SER A 191 -5.67 2.56 6.10
C SER A 191 -5.48 1.27 5.31
N HIS A 192 -4.78 1.31 4.19
CA HIS A 192 -4.49 0.11 3.41
C HIS A 192 -2.99 -0.17 3.47
N ARG A 193 -2.63 -1.45 3.34
CA ARG A 193 -1.25 -1.82 3.32
C ARG A 193 -0.52 -1.21 2.14
N SER A 194 -1.18 -1.15 0.98
CA SER A 194 -0.58 -0.61 -0.21
C SER A 194 -1.61 -0.45 -1.32
N TYR A 195 -1.17 0.24 -2.40
CA TYR A 195 -1.91 0.39 -3.64
C TYR A 195 -0.90 0.07 -4.74
N SER A 196 -1.38 -0.45 -5.81
CA SER A 196 -0.53 -0.85 -6.93
C SER A 196 -1.13 -0.42 -8.25
N CYS A 197 -0.25 -0.13 -9.20
CA CYS A 197 -0.63 0.30 -10.54
C CYS A 197 -0.07 -0.76 -11.46
N GLN A 198 -0.94 -1.34 -12.29
CA GLN A 198 -0.53 -2.40 -13.24
C GLN A 198 -0.66 -1.86 -14.65
N VAL A 199 0.43 -1.86 -15.40
CA VAL A 199 0.40 -1.35 -16.76
C VAL A 199 0.62 -2.50 -17.75
N THR A 200 -0.34 -2.75 -18.63
CA THR A 200 -0.23 -3.79 -19.66
C THR A 200 0.04 -3.17 -21.01
N HIS A 201 1.07 -3.70 -21.67
CA HIS A 201 1.48 -3.17 -22.98
C HIS A 201 2.02 -4.32 -23.81
N GLU A 202 1.44 -4.53 -24.99
CA GLU A 202 1.85 -5.66 -25.86
C GLU A 202 1.74 -6.98 -25.09
N GLY A 203 0.68 -7.11 -24.31
CA GLY A 203 0.39 -8.36 -23.65
C GLY A 203 1.27 -8.74 -22.50
N SER A 204 2.16 -7.85 -22.04
CA SER A 204 2.98 -8.08 -20.87
C SER A 204 2.64 -7.00 -19.87
N THR A 205 2.60 -7.37 -18.59
CA THR A 205 2.12 -6.48 -17.54
C THR A 205 3.25 -6.15 -16.59
N VAL A 206 3.37 -4.85 -16.20
CA VAL A 206 4.31 -4.36 -15.19
C VAL A 206 3.50 -3.80 -14.03
N GLU A 207 3.94 -4.08 -12.83
CA GLU A 207 3.25 -3.63 -11.62
C GLU A 207 4.22 -2.85 -10.75
N LYS A 208 3.73 -1.76 -10.20
CA LYS A 208 4.43 -0.92 -9.23
C LYS A 208 3.54 -0.75 -8.01
N THR A 209 4.13 -0.71 -6.85
CA THR A 209 3.39 -0.63 -5.59
C THR A 209 3.96 0.43 -4.66
N VAL A 210 3.08 1.16 -3.96
CA VAL A 210 3.59 2.09 -2.96
C VAL A 210 2.77 1.84 -1.70
N ALA A 211 3.30 2.33 -0.58
CA ALA A 211 2.60 2.19 0.69
C ALA A 211 2.78 3.45 1.50
N PRO A 212 1.94 3.69 2.49
CA PRO A 212 2.08 4.94 3.28
C PRO A 212 3.38 4.95 4.03
N THR A 213 3.89 6.15 4.25
CA THR A 213 5.04 6.38 5.11
C THR A 213 4.66 7.49 6.08
N GLU A 214 5.52 7.70 7.08
CA GLU A 214 5.24 8.77 8.05
C GLU A 214 5.66 10.13 7.49
N CYS A 215 6.91 10.25 7.07
CA CYS A 215 7.41 11.47 6.43
C CYS A 215 7.71 11.18 4.96
N SER B 2 -22.90 0.83 -48.98
CA SER B 2 -23.39 2.21 -48.78
C SER B 2 -23.73 2.55 -47.30
N ALA B 3 -23.51 3.79 -46.91
CA ALA B 3 -23.83 4.24 -45.59
C ALA B 3 -25.33 4.59 -45.47
N LEU B 4 -25.81 4.60 -44.25
CA LEU B 4 -26.97 5.34 -43.91
C LEU B 4 -26.54 6.77 -43.85
N THR B 5 -27.49 7.67 -44.00
CA THR B 5 -27.27 9.13 -44.02
C THR B 5 -27.66 9.77 -42.68
N GLN B 6 -26.65 10.34 -41.99
CA GLN B 6 -26.78 11.09 -40.76
C GLN B 6 -26.18 12.47 -40.98
N PRO B 7 -26.72 13.52 -40.36
CA PRO B 7 -26.01 14.79 -40.44
C PRO B 7 -24.67 14.65 -39.75
N PRO B 8 -23.62 15.32 -40.23
CA PRO B 8 -22.35 15.23 -39.54
C PRO B 8 -22.35 15.90 -38.15
N SER B 9 -23.20 16.84 -37.90
CA SER B 9 -23.21 17.64 -36.70
C SER B 9 -24.60 18.00 -36.23
N ALA B 10 -24.73 18.17 -34.92
CA ALA B 10 -25.94 18.56 -34.25
C ALA B 10 -25.51 19.15 -32.93
N SER B 11 -26.34 20.05 -32.37
CA SER B 11 -25.96 20.67 -31.12
C SER B 11 -27.15 21.09 -30.28
N GLY B 12 -26.87 21.36 -29.04
CA GLY B 12 -27.90 21.80 -28.13
C GLY B 12 -27.23 22.28 -26.86
N SER B 13 -27.95 23.12 -26.16
CA SER B 13 -27.48 23.66 -24.90
C SER B 13 -27.92 22.79 -23.73
N PRO B 14 -27.26 22.93 -22.59
CA PRO B 14 -27.58 22.07 -21.43
C PRO B 14 -29.05 22.20 -21.09
N GLY B 15 -29.69 21.06 -20.92
CA GLY B 15 -31.09 20.96 -20.58
C GLY B 15 -31.99 20.95 -21.80
N GLN B 16 -31.53 21.44 -22.92
CA GLN B 16 -32.31 21.41 -24.14
C GLN B 16 -32.36 20.00 -24.75
N SER B 17 -33.07 19.94 -25.88
CA SER B 17 -33.26 18.71 -26.61
C SER B 17 -32.59 18.80 -27.97
N VAL B 18 -32.19 17.66 -28.51
CA VAL B 18 -31.69 17.56 -29.90
C VAL B 18 -32.19 16.28 -30.58
N THR B 19 -32.61 16.39 -31.82
CA THR B 19 -33.12 15.26 -32.58
C THR B 19 -32.17 15.07 -33.75
N ILE B 20 -31.72 13.82 -33.99
CA ILE B 20 -30.85 13.54 -35.13
C ILE B 20 -31.46 12.40 -35.95
N SER B 21 -31.25 12.46 -37.29
CA SER B 21 -31.94 11.50 -38.14
C SER B 21 -30.98 10.52 -38.78
N CYS B 22 -31.52 9.45 -39.30
CA CYS B 22 -30.78 8.32 -39.87
C CYS B 22 -31.60 7.80 -41.05
N THR B 23 -31.26 8.23 -42.27
CA THR B 23 -32.09 7.93 -43.43
C THR B 23 -31.51 6.78 -44.21
N GLY B 24 -32.34 5.71 -44.39
CA GLY B 24 -31.86 4.59 -45.12
C GLY B 24 -32.76 4.36 -46.36
N THR B 25 -33.01 3.11 -46.67
CA THR B 25 -33.83 2.69 -47.80
C THR B 25 -34.90 1.68 -47.35
N SER B 26 -35.84 1.40 -48.27
CA SER B 26 -36.91 0.46 -47.99
C SER B 26 -36.39 -0.93 -47.56
N SER B 27 -35.22 -1.33 -47.96
CA SER B 27 -34.66 -2.65 -47.68
C SER B 27 -33.74 -2.66 -46.44
N ASP B 28 -33.60 -1.54 -45.74
CA ASP B 28 -32.83 -1.56 -44.47
C ASP B 28 -33.66 -0.87 -43.41
N VAL B 29 -33.48 0.46 -43.16
CA VAL B 29 -34.24 1.20 -42.14
C VAL B 29 -35.75 0.99 -42.32
N GLY B 30 -36.20 1.10 -43.57
CA GLY B 30 -37.63 0.96 -43.71
C GLY B 30 -38.12 -0.46 -43.94
N GLY B 31 -37.26 -1.45 -43.83
CA GLY B 31 -37.69 -2.81 -44.08
C GLY B 31 -38.05 -3.59 -42.85
N SER B 32 -37.56 -3.17 -41.68
CA SER B 32 -37.81 -3.93 -40.45
C SER B 32 -37.49 -3.03 -39.27
N ASP B 33 -37.73 -3.53 -38.08
CA ASP B 33 -37.50 -2.73 -36.88
C ASP B 33 -36.13 -3.01 -36.29
N SER B 34 -35.10 -3.15 -37.08
CA SER B 34 -33.82 -3.52 -36.52
C SER B 34 -32.86 -2.32 -36.54
N VAL B 35 -33.38 -1.13 -36.27
CA VAL B 35 -32.51 0.08 -36.13
C VAL B 35 -31.91 0.15 -34.72
N SER B 36 -30.61 0.34 -34.65
CA SER B 36 -29.90 0.56 -33.41
C SER B 36 -29.17 1.92 -33.48
N TRP B 37 -28.91 2.43 -32.29
CA TRP B 37 -28.08 3.61 -32.11
C TRP B 37 -27.00 3.36 -31.05
N TYR B 38 -25.84 3.94 -31.31
CA TYR B 38 -24.70 3.80 -30.38
C TYR B 38 -24.17 5.16 -30.09
N GLN B 39 -23.69 5.36 -28.89
CA GLN B 39 -22.98 6.54 -28.44
C GLN B 39 -21.49 6.22 -28.38
N GLN B 40 -20.66 7.17 -28.75
CA GLN B 40 -19.21 6.96 -28.57
C GLN B 40 -18.48 8.24 -28.29
N HIS B 41 -17.84 8.28 -27.12
CA HIS B 41 -16.87 9.32 -26.80
C HIS B 41 -15.57 9.07 -27.58
N PRO B 42 -14.99 10.10 -28.17
CA PRO B 42 -13.69 9.96 -28.86
C PRO B 42 -12.62 9.21 -28.07
N GLY B 43 -11.97 8.28 -28.72
CA GLY B 43 -11.04 7.35 -28.05
C GLY B 43 -11.59 6.27 -27.12
N LYS B 44 -12.92 6.08 -27.05
CA LYS B 44 -13.49 5.13 -26.11
C LYS B 44 -14.24 4.09 -26.90
N ALA B 45 -14.46 2.92 -26.33
CA ALA B 45 -15.45 2.02 -26.89
C ALA B 45 -16.85 2.66 -26.88
N PRO B 46 -17.69 2.29 -27.84
CA PRO B 46 -19.06 2.82 -27.91
C PRO B 46 -19.93 2.08 -26.92
N LYS B 47 -21.13 2.55 -26.83
CA LYS B 47 -22.23 1.95 -26.03
C LYS B 47 -23.52 1.96 -26.85
N LEU B 48 -24.15 0.79 -26.99
CA LEU B 48 -25.48 0.71 -27.59
C LEU B 48 -26.51 1.39 -26.69
N ILE B 49 -27.23 2.40 -27.22
CA ILE B 49 -28.19 3.13 -26.43
C ILE B 49 -29.64 2.87 -26.86
N ILE B 50 -29.86 2.45 -28.10
CA ILE B 50 -31.14 2.01 -28.63
C ILE B 50 -30.99 0.76 -29.50
N TYR B 51 -31.95 -0.15 -29.37
CA TYR B 51 -32.05 -1.29 -30.28
C TYR B 51 -33.53 -1.47 -30.60
N GLU B 52 -33.77 -2.13 -31.72
CA GLU B 52 -35.09 -2.39 -32.25
C GLU B 52 -35.91 -1.13 -32.32
N VAL B 53 -35.26 -0.08 -32.81
CA VAL B 53 -35.82 1.27 -33.02
C VAL B 53 -35.98 2.14 -31.79
N SER B 54 -36.60 1.62 -30.73
CA SER B 54 -37.01 2.38 -29.61
C SER B 54 -36.57 1.83 -28.29
N GLN B 55 -35.96 0.66 -28.22
CA GLN B 55 -35.73 -0.01 -26.95
C GLN B 55 -34.37 0.46 -26.35
N ARG B 56 -34.39 0.83 -25.04
CA ARG B 56 -33.16 1.16 -24.26
C ARG B 56 -32.64 -0.07 -23.51
N PRO B 57 -31.37 -0.45 -23.70
CA PRO B 57 -30.76 -1.45 -22.79
C PRO B 57 -30.80 -0.94 -21.36
N SER B 58 -30.57 -1.89 -20.46
CA SER B 58 -30.51 -1.53 -19.04
C SER B 58 -29.34 -0.55 -18.81
N GLY B 59 -29.60 0.43 -17.99
CA GLY B 59 -28.63 1.48 -17.62
C GLY B 59 -28.65 2.69 -18.52
N VAL B 60 -29.44 2.65 -19.61
CA VAL B 60 -29.58 3.81 -20.54
C VAL B 60 -30.69 4.71 -19.97
N PRO B 61 -30.44 6.00 -19.67
CA PRO B 61 -31.49 6.88 -19.18
C PRO B 61 -32.63 7.00 -20.14
N ASN B 62 -33.82 7.23 -19.61
CA ASN B 62 -34.95 7.43 -20.49
C ASN B 62 -34.94 8.78 -21.16
N ARG B 63 -33.88 9.57 -21.06
CA ARG B 63 -33.80 10.74 -21.87
C ARG B 63 -33.47 10.42 -23.33
N PHE B 64 -33.03 9.22 -23.64
CA PHE B 64 -32.74 8.84 -25.04
C PHE B 64 -33.94 8.12 -25.62
N SER B 65 -34.45 8.62 -26.72
CA SER B 65 -35.67 8.00 -27.32
C SER B 65 -35.49 7.85 -28.81
N GLY B 66 -35.96 6.75 -29.35
CA GLY B 66 -35.73 6.38 -30.72
C GLY B 66 -37.05 6.04 -31.39
N SER B 67 -37.16 6.42 -32.65
CA SER B 67 -38.39 6.24 -33.41
C SER B 67 -37.99 6.09 -34.87
N LYS B 68 -39.00 5.78 -35.67
CA LYS B 68 -38.77 5.59 -37.12
C LYS B 68 -40.07 6.00 -37.77
N SER B 69 -39.94 6.55 -38.97
CA SER B 69 -41.05 6.88 -39.84
C SER B 69 -40.55 6.63 -41.24
N GLY B 70 -41.18 5.68 -41.93
CA GLY B 70 -40.73 5.36 -43.28
C GLY B 70 -39.29 4.87 -43.30
N ASN B 71 -38.45 5.53 -44.13
CA ASN B 71 -37.08 5.11 -44.25
C ASN B 71 -36.15 5.90 -43.34
N THR B 72 -36.66 6.70 -42.44
CA THR B 72 -35.81 7.55 -41.59
C THR B 72 -36.07 7.30 -40.10
N ALA B 73 -35.05 6.86 -39.40
CA ALA B 73 -35.05 6.72 -37.96
C ALA B 73 -34.52 7.99 -37.29
N SER B 74 -35.01 8.29 -36.09
CA SER B 74 -34.58 9.45 -35.36
C SER B 74 -34.31 9.09 -33.92
N LEU B 75 -33.34 9.78 -33.36
CA LEU B 75 -32.97 9.71 -31.98
C LEU B 75 -33.15 11.10 -31.36
N THR B 76 -33.79 11.17 -30.22
CA THR B 76 -33.98 12.42 -29.52
C THR B 76 -33.34 12.25 -28.14
N VAL B 77 -32.47 13.15 -27.80
CA VAL B 77 -31.83 13.26 -26.51
C VAL B 77 -32.39 14.50 -25.87
N SER B 78 -33.14 14.32 -24.80
CA SER B 78 -33.71 15.40 -24.01
C SER B 78 -32.82 15.63 -22.79
N GLY B 79 -33.01 16.77 -22.18
CA GLY B 79 -32.27 17.16 -20.97
C GLY B 79 -30.77 17.09 -21.18
N LEU B 80 -30.28 17.69 -22.22
CA LEU B 80 -28.86 17.46 -22.61
C LEU B 80 -27.92 17.72 -21.42
N GLN B 81 -26.97 16.81 -21.28
CA GLN B 81 -25.93 16.94 -20.27
C GLN B 81 -24.56 16.89 -20.94
N ALA B 82 -23.53 17.37 -20.24
CA ALA B 82 -22.21 17.36 -20.84
C ALA B 82 -21.76 15.99 -21.25
N GLU B 83 -22.12 14.95 -20.49
CA GLU B 83 -21.74 13.55 -20.82
C GLU B 83 -22.42 13.07 -22.11
N ASP B 84 -23.28 13.87 -22.74
CA ASP B 84 -23.97 13.51 -23.95
C ASP B 84 -23.23 14.01 -25.17
N ASP B 85 -22.23 14.88 -25.01
CA ASP B 85 -21.36 15.38 -26.05
C ASP B 85 -20.59 14.17 -26.55
N ALA B 86 -20.87 13.71 -27.77
CA ALA B 86 -20.30 12.48 -28.26
C ALA B 86 -20.67 12.27 -29.71
N ASP B 87 -20.13 11.22 -30.31
CA ASP B 87 -20.53 10.80 -31.63
C ASP B 87 -21.64 9.74 -31.51
N TYR B 88 -22.63 9.81 -32.43
CA TYR B 88 -23.78 8.89 -32.39
C TYR B 88 -23.94 8.24 -33.75
N TYR B 89 -23.87 6.90 -33.76
CA TYR B 89 -23.97 6.15 -35.03
C TYR B 89 -25.30 5.41 -35.01
N CYS B 90 -25.95 5.35 -36.15
CA CYS B 90 -27.00 4.35 -36.36
C CYS B 90 -26.62 3.14 -37.20
N SER B 91 -27.39 2.06 -37.11
CA SER B 91 -27.24 0.88 -37.90
C SER B 91 -28.64 0.32 -38.18
N SER B 92 -28.73 -0.50 -39.22
CA SER B 92 -30.00 -1.18 -39.57
C SER B 92 -29.70 -2.41 -40.42
N TYR B 93 -29.97 -3.63 -39.92
CA TYR B 93 -29.83 -4.82 -40.76
C TYR B 93 -30.65 -4.64 -42.02
N GLY B 94 -30.14 -5.14 -43.14
CA GLY B 94 -30.90 -5.19 -44.35
C GLY B 94 -31.03 -6.62 -44.82
N GLY B 95 -31.18 -6.79 -46.12
CA GLY B 95 -31.18 -8.12 -46.67
C GLY B 95 -29.79 -8.69 -46.73
N ASP B 96 -29.76 -10.01 -46.94
CA ASP B 96 -28.53 -10.73 -47.24
C ASP B 96 -27.50 -10.62 -46.14
N ASN B 97 -27.95 -10.63 -44.87
CA ASN B 97 -27.03 -10.59 -43.72
C ASN B 97 -26.19 -9.32 -43.68
N ASN B 98 -26.60 -8.28 -44.38
CA ASN B 98 -25.84 -7.06 -44.38
C ASN B 98 -26.20 -6.23 -43.15
N LEU B 99 -25.29 -5.41 -42.70
CA LEU B 99 -25.59 -4.44 -41.64
C LEU B 99 -25.04 -3.09 -42.06
N PHE B 100 -25.88 -2.12 -42.19
CA PHE B 100 -25.51 -0.80 -42.65
C PHE B 100 -25.32 0.11 -41.47
N PHE B 101 -24.31 0.99 -41.57
CA PHE B 101 -24.08 2.02 -40.56
C PHE B 101 -24.14 3.40 -41.17
N GLY B 102 -24.60 4.33 -40.40
CA GLY B 102 -24.51 5.71 -40.82
C GLY B 102 -23.12 6.21 -40.55
N GLY B 103 -22.84 7.38 -41.07
CA GLY B 103 -21.52 7.98 -40.96
C GLY B 103 -21.22 8.69 -39.61
N GLY B 104 -22.21 8.75 -38.67
CA GLY B 104 -21.97 9.34 -37.39
C GLY B 104 -22.42 10.80 -37.36
N THR B 105 -23.09 11.22 -36.31
CA THR B 105 -23.34 12.59 -35.99
C THR B 105 -22.55 12.93 -34.71
N LYS B 106 -21.70 13.97 -34.75
CA LYS B 106 -21.11 14.56 -33.58
C LYS B 106 -22.09 15.52 -32.96
N VAL B 107 -22.64 15.16 -31.81
CA VAL B 107 -23.49 16.06 -31.03
C VAL B 107 -22.61 16.85 -30.09
N THR B 108 -22.75 18.17 -30.18
CA THR B 108 -22.01 19.05 -29.29
C THR B 108 -22.97 19.64 -28.27
N VAL B 109 -22.58 19.62 -27.00
CA VAL B 109 -23.33 20.27 -25.98
C VAL B 109 -22.67 21.62 -25.76
N LEU B 110 -23.38 22.66 -26.18
CA LEU B 110 -22.82 24.01 -26.22
C LEU B 110 -22.69 24.58 -24.80
N GLY B 111 -21.80 25.54 -24.67
CA GLY B 111 -21.74 26.35 -23.44
C GLY B 111 -21.45 25.58 -22.16
N GLN B 112 -20.59 24.59 -22.18
CA GLN B 112 -20.19 23.92 -20.94
C GLN B 112 -19.34 24.90 -20.10
N PRO B 113 -19.47 24.87 -18.79
CA PRO B 113 -18.82 25.90 -17.98
C PRO B 113 -17.29 25.83 -18.04
N LYS B 114 -16.68 27.01 -17.96
CA LYS B 114 -15.24 27.12 -17.72
C LYS B 114 -14.87 26.48 -16.39
N ALA B 115 -13.68 25.92 -16.36
CA ALA B 115 -13.22 25.30 -15.13
C ALA B 115 -11.71 25.41 -15.06
N ALA B 116 -11.25 25.80 -13.92
CA ALA B 116 -9.83 26.02 -13.73
C ALA B 116 -9.16 24.73 -13.32
N PRO B 117 -7.91 24.50 -13.69
CA PRO B 117 -7.25 23.24 -13.32
C PRO B 117 -6.94 23.04 -11.86
N SER B 118 -7.09 21.79 -11.41
CA SER B 118 -6.42 21.29 -10.22
C SER B 118 -5.05 20.79 -10.59
N VAL B 119 -4.05 21.29 -9.87
CA VAL B 119 -2.66 21.00 -10.20
C VAL B 119 -2.04 20.37 -8.97
N THR B 120 -1.44 19.19 -9.11
CA THR B 120 -0.73 18.51 -8.04
C THR B 120 0.66 18.16 -8.52
N LEU B 121 1.69 18.65 -7.81
CA LEU B 121 3.08 18.37 -8.22
C LEU B 121 3.65 17.30 -7.31
N PHE B 122 4.29 16.32 -7.91
CA PHE B 122 4.85 15.22 -7.14
C PHE B 122 6.36 15.20 -7.26
N PRO B 123 7.02 14.97 -6.15
CA PRO B 123 8.46 14.86 -6.20
C PRO B 123 8.84 13.45 -6.55
N PRO B 124 10.13 13.18 -6.72
CA PRO B 124 10.55 11.84 -7.18
C PRO B 124 10.20 10.79 -6.17
N SER B 125 9.69 9.65 -6.64
CA SER B 125 9.43 8.51 -5.75
C SER B 125 10.72 7.86 -5.27
N SER B 126 10.66 7.26 -4.09
CA SER B 126 11.82 6.50 -3.58
C SER B 126 12.29 5.42 -4.56
N GLU B 127 11.37 4.63 -5.12
CA GLU B 127 11.79 3.57 -6.05
C GLU B 127 12.59 4.16 -7.22
N GLU B 128 12.13 5.26 -7.82
CA GLU B 128 12.85 5.73 -9.00
C GLU B 128 14.21 6.33 -8.60
N LEU B 129 14.27 6.99 -7.44
CA LEU B 129 15.58 7.45 -6.96
C LEU B 129 16.55 6.29 -6.77
N GLN B 130 16.05 5.17 -6.25
CA GLN B 130 16.89 3.98 -6.13
C GLN B 130 17.36 3.49 -7.50
N ALA B 131 16.58 3.70 -8.56
CA ALA B 131 16.99 3.40 -9.94
C ALA B 131 17.70 4.57 -10.60
N ASN B 132 18.19 5.51 -9.85
CA ASN B 132 18.95 6.59 -10.44
C ASN B 132 18.13 7.46 -11.39
N LYS B 133 16.86 7.73 -11.06
CA LYS B 133 16.01 8.66 -11.80
C LYS B 133 15.28 9.59 -10.81
N ALA B 134 14.97 10.81 -11.28
CA ALA B 134 14.28 11.79 -10.44
C ALA B 134 13.23 12.54 -11.25
N THR B 135 12.43 11.81 -12.09
CA THR B 135 11.34 12.43 -12.83
C THR B 135 10.31 12.96 -11.82
N LEU B 136 9.89 14.17 -12.05
CA LEU B 136 8.79 14.81 -11.37
C LEU B 136 7.57 14.76 -12.29
N VAL B 137 6.38 14.69 -11.69
CA VAL B 137 5.18 14.76 -12.47
C VAL B 137 4.26 15.84 -11.88
N CYS B 138 3.71 16.66 -12.75
CA CYS B 138 2.69 17.68 -12.51
C CYS B 138 1.38 17.16 -13.10
N LEU B 139 0.49 16.69 -12.25
CA LEU B 139 -0.84 16.29 -12.68
C LEU B 139 -1.80 17.49 -12.77
N ILE B 140 -2.51 17.58 -13.87
CA ILE B 140 -3.33 18.70 -14.22
C ILE B 140 -4.69 18.16 -14.59
N SER B 141 -5.70 18.40 -13.77
CA SER B 141 -7.01 17.76 -14.02
C SER B 141 -8.17 18.73 -13.80
N ASP B 142 -9.37 18.31 -14.24
CA ASP B 142 -10.61 18.99 -13.97
C ASP B 142 -10.68 20.33 -14.64
N PHE B 143 -10.01 20.55 -15.74
CA PHE B 143 -10.12 21.82 -16.43
C PHE B 143 -10.93 21.75 -17.73
N TYR B 144 -11.32 22.95 -18.22
CA TYR B 144 -12.22 23.07 -19.36
C TYR B 144 -12.25 24.57 -19.74
N PRO B 145 -12.06 24.87 -20.99
CA PRO B 145 -11.86 23.95 -22.13
C PRO B 145 -10.45 23.36 -22.11
N GLY B 146 -10.08 22.59 -23.13
CA GLY B 146 -8.99 21.62 -23.01
C GLY B 146 -7.62 22.08 -23.48
N ALA B 147 -7.27 23.33 -23.27
CA ALA B 147 -5.99 23.87 -23.68
C ALA B 147 -5.33 24.40 -22.41
N VAL B 148 -4.06 23.99 -22.17
CA VAL B 148 -3.20 24.51 -21.10
C VAL B 148 -1.82 24.70 -21.67
N THR B 149 -1.06 25.59 -21.07
CA THR B 149 0.38 25.60 -21.26
C THR B 149 1.06 25.44 -19.89
N VAL B 150 2.26 24.83 -19.94
CA VAL B 150 3.04 24.45 -18.77
C VAL B 150 4.45 24.96 -18.94
N ALA B 151 4.99 25.54 -17.89
CA ALA B 151 6.40 25.91 -17.78
C ALA B 151 6.92 25.41 -16.44
N TRP B 152 8.19 25.09 -16.42
CA TRP B 152 8.81 24.54 -15.22
C TRP B 152 9.96 25.49 -14.84
N LYS B 153 10.20 25.55 -13.56
CA LYS B 153 11.26 26.37 -12.98
C LYS B 153 12.15 25.53 -12.10
N ALA B 154 13.45 25.81 -12.17
CA ALA B 154 14.47 25.24 -11.31
C ALA B 154 14.96 26.40 -10.43
N ASP B 155 14.80 26.24 -9.13
CA ASP B 155 14.63 27.43 -8.31
C ASP B 155 13.73 28.47 -8.94
N SER B 156 14.24 29.67 -9.24
CA SER B 156 13.45 30.68 -9.94
C SER B 156 13.70 30.69 -11.44
N SER B 157 14.51 29.79 -11.92
CA SER B 157 15.00 29.97 -13.33
C SER B 157 14.22 29.08 -14.28
N PRO B 158 13.92 29.55 -15.49
CA PRO B 158 13.21 28.69 -16.46
C PRO B 158 13.96 27.41 -16.81
N VAL B 159 13.20 26.32 -16.94
CA VAL B 159 13.70 25.05 -17.37
C VAL B 159 13.42 24.95 -18.86
N LYS B 160 14.48 24.77 -19.64
CA LYS B 160 14.32 24.82 -21.09
C LYS B 160 14.43 23.45 -21.74
N ALA B 161 14.74 22.42 -20.99
CA ALA B 161 15.00 21.07 -21.45
C ALA B 161 14.38 20.06 -20.49
N GLY B 162 13.87 18.96 -21.08
CA GLY B 162 13.52 17.79 -20.35
C GLY B 162 12.06 17.71 -20.04
N VAL B 163 11.27 18.58 -20.59
CA VAL B 163 9.89 18.69 -20.25
C VAL B 163 9.07 17.97 -21.31
N GLU B 164 8.09 17.21 -20.87
CA GLU B 164 7.03 16.68 -21.79
C GLU B 164 5.71 16.94 -21.14
N THR B 165 4.73 17.38 -21.91
CA THR B 165 3.34 17.50 -21.46
C THR B 165 2.40 16.75 -22.42
N THR B 166 1.52 15.92 -21.88
CA THR B 166 0.64 15.16 -22.74
C THR B 166 -0.50 16.03 -23.24
N THR B 167 -1.17 15.51 -24.31
CA THR B 167 -2.23 16.23 -24.94
C THR B 167 -3.45 16.06 -24.07
N PRO B 168 -4.12 17.12 -23.65
CA PRO B 168 -5.23 16.93 -22.72
C PRO B 168 -6.27 15.98 -23.26
N SER B 169 -6.83 15.09 -22.40
CA SER B 169 -7.90 14.22 -22.87
C SER B 169 -9.05 14.41 -21.93
N LYS B 170 -10.24 14.18 -22.45
CA LYS B 170 -11.42 14.33 -21.62
C LYS B 170 -11.60 13.10 -20.76
N GLN B 171 -11.98 13.28 -19.52
CA GLN B 171 -12.13 12.21 -18.57
C GLN B 171 -13.59 12.04 -18.18
N SER B 172 -13.82 11.03 -17.39
CA SER B 172 -15.21 10.65 -17.07
C SER B 172 -16.05 11.78 -16.49
N ASN B 173 -15.46 12.84 -15.94
CA ASN B 173 -16.24 13.97 -15.44
C ASN B 173 -16.44 15.08 -16.48
N ASN B 174 -16.10 14.81 -17.72
CA ASN B 174 -16.32 15.70 -18.84
C ASN B 174 -15.39 16.88 -18.78
N LYS B 175 -14.33 16.79 -17.96
CA LYS B 175 -13.29 17.84 -17.97
C LYS B 175 -11.97 17.16 -18.33
N TYR B 176 -10.98 17.99 -18.69
CA TYR B 176 -9.76 17.51 -19.28
C TYR B 176 -8.73 17.21 -18.19
N ALA B 177 -7.78 16.36 -18.55
CA ALA B 177 -6.64 16.05 -17.70
C ALA B 177 -5.42 15.92 -18.58
N ALA B 178 -4.28 16.18 -17.97
CA ALA B 178 -3.00 16.03 -18.64
C ALA B 178 -1.94 15.98 -17.53
N SER B 179 -0.75 15.45 -17.90
CA SER B 179 0.38 15.42 -17.02
C SER B 179 1.57 16.05 -17.73
N SER B 180 2.40 16.75 -16.98
CA SER B 180 3.64 17.27 -17.51
C SER B 180 4.69 16.63 -16.63
N TYR B 181 5.75 16.15 -17.27
CA TYR B 181 6.74 15.36 -16.52
C TYR B 181 8.14 15.86 -16.93
N LEU B 182 9.00 16.04 -15.90
CA LEU B 182 10.32 16.66 -16.04
C LEU B 182 11.36 15.59 -15.67
N SER B 183 12.18 15.19 -16.66
CA SER B 183 13.06 14.06 -16.44
C SER B 183 14.41 14.47 -15.88
N LEU B 184 14.49 14.66 -14.60
CA LEU B 184 15.71 15.11 -13.91
C LEU B 184 16.59 13.92 -13.56
N THR B 185 17.88 14.15 -13.53
CA THR B 185 18.75 13.21 -12.83
C THR B 185 18.66 13.48 -11.31
N PRO B 186 19.03 12.49 -10.49
CA PRO B 186 19.06 12.71 -9.05
C PRO B 186 19.95 13.88 -8.68
N GLU B 187 21.03 14.08 -9.42
CA GLU B 187 21.95 15.16 -9.08
C GLU B 187 21.32 16.50 -9.37
N GLN B 188 20.62 16.64 -10.51
CA GLN B 188 19.89 17.89 -10.75
C GLN B 188 18.84 18.13 -9.64
N TRP B 189 18.13 17.08 -9.23
CA TRP B 189 17.09 17.25 -8.23
C TRP B 189 17.68 17.70 -6.90
N LYS B 190 18.70 16.99 -6.44
CA LYS B 190 19.27 17.32 -5.13
C LYS B 190 20.08 18.61 -5.13
N SER B 191 20.40 19.19 -6.26
CA SER B 191 21.27 20.35 -6.26
C SER B 191 20.53 21.66 -6.30
N HIS B 192 19.19 21.64 -6.38
CA HIS B 192 18.39 22.86 -6.43
C HIS B 192 17.59 22.94 -5.14
N ARG B 193 17.18 24.15 -4.79
CA ARG B 193 16.35 24.32 -3.63
C ARG B 193 14.96 23.77 -3.88
N SER B 194 14.46 23.99 -5.08
CA SER B 194 13.13 23.55 -5.42
C SER B 194 12.95 23.46 -6.91
N TYR B 195 11.88 22.73 -7.30
CA TYR B 195 11.34 22.84 -8.68
C TYR B 195 9.87 23.21 -8.62
N SER B 196 9.42 23.88 -9.66
CA SER B 196 8.07 24.41 -9.78
C SER B 196 7.49 24.07 -11.16
N CYS B 197 6.17 23.85 -11.14
CA CYS B 197 5.32 23.57 -12.30
C CYS B 197 4.30 24.70 -12.37
N GLN B 198 4.32 25.42 -13.46
CA GLN B 198 3.40 26.56 -13.64
C GLN B 198 2.47 26.23 -14.77
N VAL B 199 1.16 26.22 -14.46
CA VAL B 199 0.11 25.79 -15.41
C VAL B 199 -0.75 26.98 -15.77
N THR B 200 -0.82 27.30 -17.03
CA THR B 200 -1.64 28.44 -17.49
C THR B 200 -2.85 27.96 -18.28
N HIS B 201 -3.99 28.46 -17.88
CA HIS B 201 -5.27 28.11 -18.48
C HIS B 201 -6.17 29.36 -18.53
N GLU B 202 -6.55 29.74 -19.74
CA GLU B 202 -7.44 30.88 -19.92
C GLU B 202 -6.87 32.14 -19.27
N GLY B 203 -5.61 32.35 -19.49
CA GLY B 203 -4.95 33.53 -18.97
C GLY B 203 -4.56 33.49 -17.52
N SER B 204 -4.88 32.45 -16.79
CA SER B 204 -4.62 32.42 -15.34
C SER B 204 -3.64 31.29 -15.01
N THR B 205 -2.72 31.55 -14.08
CA THR B 205 -1.65 30.63 -13.78
C THR B 205 -1.76 30.11 -12.37
N VAL B 206 -1.49 28.82 -12.24
CA VAL B 206 -1.42 28.08 -10.98
C VAL B 206 0.00 27.54 -10.91
N GLU B 207 0.70 27.78 -9.82
CA GLU B 207 2.05 27.27 -9.62
C GLU B 207 2.14 26.39 -8.38
N LYS B 208 2.82 25.25 -8.51
CA LYS B 208 3.14 24.37 -7.43
C LYS B 208 4.63 24.20 -7.35
N THR B 209 5.12 23.98 -6.13
CA THR B 209 6.55 23.88 -5.88
C THR B 209 6.82 22.70 -4.96
N VAL B 210 7.88 21.97 -5.23
CA VAL B 210 8.27 20.86 -4.38
C VAL B 210 9.78 20.91 -4.24
N ALA B 211 10.29 20.35 -3.12
CA ALA B 211 11.70 20.47 -2.79
C ALA B 211 12.20 19.14 -2.26
N PRO B 212 13.50 18.90 -2.32
CA PRO B 212 14.04 17.61 -1.85
C PRO B 212 13.71 17.35 -0.37
N THR B 213 13.26 16.11 -0.10
CA THR B 213 12.59 15.79 1.13
C THR B 213 13.55 15.88 2.30
N GLU B 214 13.00 16.23 3.47
CA GLU B 214 13.74 16.29 4.73
C GLU B 214 13.65 15.00 5.52
N CYS B 215 13.76 13.85 4.85
CA CYS B 215 13.62 12.55 5.52
C CYS B 215 13.79 11.39 4.55
N GLN C 1 14.34 11.04 30.04
CA GLN C 1 15.81 10.93 29.79
C GLN C 1 16.14 11.76 28.53
N SER C 2 17.12 11.35 27.71
CA SER C 2 17.52 12.03 26.44
C SER C 2 18.68 11.25 25.81
N ALA C 3 18.71 11.05 24.48
CA ALA C 3 19.89 10.42 23.83
C ALA C 3 19.81 10.44 22.30
N LEU C 4 20.08 9.32 21.61
CA LEU C 4 20.25 9.30 20.13
C LEU C 4 19.14 8.47 19.50
N THR C 5 18.80 8.72 18.24
CA THR C 5 17.68 8.05 17.57
C THR C 5 18.18 7.05 16.57
N GLN C 6 17.68 5.83 16.62
CA GLN C 6 17.99 4.79 15.63
C GLN C 6 16.67 4.26 15.06
N PRO C 7 16.60 3.85 13.78
CA PRO C 7 15.39 3.23 13.26
C PRO C 7 15.03 2.01 14.08
N PRO C 8 13.78 1.67 14.34
CA PRO C 8 13.55 0.47 15.13
C PRO C 8 13.98 -0.82 14.45
N SER C 9 14.09 -0.83 13.13
CA SER C 9 14.36 -2.08 12.40
C SER C 9 14.99 -1.84 11.03
N ALA C 10 15.62 -2.86 10.47
CA ALA C 10 16.20 -2.84 9.12
C ALA C 10 16.27 -4.30 8.69
N SER C 11 16.45 -4.54 7.39
CA SER C 11 16.50 -5.93 6.89
C SER C 11 17.26 -6.03 5.56
N GLY C 12 17.66 -7.24 5.23
CA GLY C 12 18.31 -7.50 3.94
C GLY C 12 18.49 -8.96 3.73
N SER C 13 18.71 -9.36 2.50
CA SER C 13 18.91 -10.78 2.15
C SER C 13 20.38 -11.14 2.30
N PRO C 14 20.72 -12.42 2.52
CA PRO C 14 22.10 -12.81 2.56
C PRO C 14 22.86 -12.22 1.35
N GLY C 15 24.04 -11.66 1.60
CA GLY C 15 24.89 -11.10 0.56
C GLY C 15 24.63 -9.64 0.32
N GLN C 16 23.52 -9.13 0.81
CA GLN C 16 23.15 -7.71 0.58
C GLN C 16 23.88 -6.82 1.60
N SER C 17 23.68 -5.51 1.47
CA SER C 17 24.26 -4.54 2.42
C SER C 17 23.11 -3.80 3.12
N VAL C 18 23.26 -3.55 4.41
CA VAL C 18 22.29 -2.75 5.21
C VAL C 18 23.09 -1.58 5.81
N THR C 19 22.49 -0.40 5.88
CA THR C 19 23.10 0.78 6.52
C THR C 19 22.10 1.26 7.55
N ILE C 20 22.53 1.39 8.80
CA ILE C 20 21.66 1.81 9.92
C ILE C 20 22.19 3.13 10.49
N SER C 21 21.30 4.06 10.80
CA SER C 21 21.67 5.41 11.26
C SER C 21 21.57 5.58 12.77
N CYS C 22 22.31 6.55 13.31
CA CYS C 22 22.33 6.90 14.74
C CYS C 22 22.35 8.43 14.74
N THR C 23 21.20 9.07 14.84
CA THR C 23 21.08 10.53 14.75
C THR C 23 21.08 11.16 16.12
N GLY C 24 21.99 12.08 16.36
CA GLY C 24 22.08 12.84 17.61
C GLY C 24 22.09 14.33 17.35
N THR C 25 22.89 15.09 18.09
CA THR C 25 22.95 16.57 18.00
C THR C 25 24.38 17.03 17.94
N SER C 26 24.60 18.33 17.76
CA SER C 26 25.95 18.93 17.73
C SER C 26 26.72 18.67 19.03
N SER C 27 26.02 18.44 20.14
CA SER C 27 26.68 18.26 21.46
C SER C 27 27.13 16.80 21.69
N ASP C 28 26.71 15.86 20.86
CA ASP C 28 27.08 14.42 21.05
C ASP C 28 27.68 13.84 19.76
N VAL C 29 26.87 13.34 18.84
CA VAL C 29 27.39 12.65 17.62
C VAL C 29 28.28 13.66 16.89
N GLY C 30 27.83 14.90 16.76
CA GLY C 30 28.58 15.94 16.02
C GLY C 30 29.64 16.63 16.85
N GLY C 31 29.72 16.39 18.15
CA GLY C 31 30.64 17.10 19.03
C GLY C 31 31.99 16.44 19.11
N SER C 32 32.15 15.26 18.53
CA SER C 32 33.40 14.48 18.68
C SER C 32 33.36 13.27 17.76
N ASP C 33 34.44 12.48 17.72
CA ASP C 33 34.53 11.22 16.93
C ASP C 33 34.52 10.10 17.97
N SER C 34 33.43 9.98 18.72
CA SER C 34 33.34 9.05 19.86
C SER C 34 32.16 8.08 19.72
N VAL C 35 31.64 7.91 18.52
CA VAL C 35 30.51 6.98 18.29
C VAL C 35 31.00 5.53 18.38
N SER C 36 30.27 4.67 19.08
CA SER C 36 30.59 3.24 19.15
C SER C 36 29.36 2.47 18.67
N TRP C 37 29.54 1.27 18.16
CA TRP C 37 28.41 0.41 17.75
C TRP C 37 28.57 -0.91 18.48
N TYR C 38 27.46 -1.47 18.94
CA TYR C 38 27.45 -2.75 19.67
C TYR C 38 26.52 -3.70 18.95
N GLN C 39 26.86 -4.99 18.96
CA GLN C 39 26.01 -6.05 18.38
C GLN C 39 25.56 -6.96 19.52
N GLN C 40 24.28 -7.30 19.54
CA GLN C 40 23.73 -8.23 20.54
C GLN C 40 22.80 -9.26 19.90
N HIS C 41 23.21 -10.52 19.94
CA HIS C 41 22.30 -11.62 19.56
C HIS C 41 21.40 -11.72 20.78
N PRO C 42 20.09 -11.91 20.64
CA PRO C 42 19.22 -11.85 21.80
C PRO C 42 19.55 -12.90 22.84
N GLY C 43 19.67 -12.49 24.11
CA GLY C 43 19.93 -13.41 25.23
C GLY C 43 21.40 -13.69 25.38
N LYS C 44 22.21 -12.97 24.62
CA LYS C 44 23.68 -13.15 24.66
C LYS C 44 24.36 -11.82 25.00
N ALA C 45 25.52 -11.87 25.63
CA ALA C 45 26.31 -10.67 25.91
C ALA C 45 26.50 -9.84 24.65
N PRO C 46 26.43 -8.50 24.73
CA PRO C 46 26.72 -7.67 23.58
C PRO C 46 28.20 -7.67 23.26
N LYS C 47 28.55 -7.14 22.10
CA LYS C 47 29.97 -7.05 21.69
C LYS C 47 30.21 -5.70 21.01
N LEU C 48 31.27 -5.02 21.42
CA LEU C 48 31.68 -3.76 20.73
C LEU C 48 32.17 -4.15 19.32
N ILE C 49 31.63 -3.52 18.29
CA ILE C 49 32.01 -3.84 16.87
C ILE C 49 32.69 -2.62 16.23
N ILE C 50 32.35 -1.42 16.71
CA ILE C 50 32.97 -0.17 16.20
C ILE C 50 33.22 0.80 17.38
N TYR C 51 34.34 1.49 17.39
CA TYR C 51 34.62 2.56 18.38
C TYR C 51 35.19 3.75 17.60
N GLU C 52 35.11 4.93 18.18
CA GLU C 52 35.65 6.17 17.56
C GLU C 52 35.16 6.24 16.11
N VAL C 53 33.86 6.05 15.88
CA VAL C 53 33.18 6.16 14.55
C VAL C 53 33.51 5.04 13.56
N SER C 54 34.78 4.70 13.34
CA SER C 54 35.21 3.79 12.24
C SER C 54 36.10 2.64 12.68
N GLN C 55 36.52 2.64 13.94
CA GLN C 55 37.55 1.69 14.41
C GLN C 55 36.95 0.32 14.73
N ARG C 56 37.52 -0.72 14.12
CA ARG C 56 37.07 -2.10 14.38
C ARG C 56 37.97 -2.79 15.40
N PRO C 57 37.43 -3.31 16.52
CA PRO C 57 38.23 -4.12 17.40
C PRO C 57 38.77 -5.34 16.65
N SER C 58 39.83 -5.94 17.17
CA SER C 58 40.38 -7.18 16.60
C SER C 58 39.27 -8.26 16.60
N GLY C 59 39.18 -9.02 15.52
CA GLY C 59 38.19 -10.09 15.42
C GLY C 59 36.93 -9.64 14.72
N VAL C 60 36.75 -8.34 14.54
CA VAL C 60 35.55 -7.77 13.87
C VAL C 60 35.83 -7.72 12.36
N PRO C 61 34.97 -8.33 11.52
CA PRO C 61 35.25 -8.38 10.10
C PRO C 61 35.14 -7.04 9.43
N ASN C 62 35.84 -6.89 8.30
CA ASN C 62 35.84 -5.61 7.54
C ASN C 62 34.49 -5.36 6.89
N ARG C 63 33.61 -6.35 6.84
CA ARG C 63 32.23 -6.16 6.34
C ARG C 63 31.53 -5.07 7.15
N PHE C 64 31.99 -4.84 8.38
CA PHE C 64 31.40 -3.81 9.27
C PHE C 64 32.18 -2.51 9.11
N SER C 65 31.49 -1.45 8.73
CA SER C 65 32.13 -0.14 8.53
C SER C 65 31.31 0.93 9.25
N GLY C 66 31.98 1.93 9.82
CA GLY C 66 31.32 3.01 10.56
C GLY C 66 31.75 4.36 10.04
N SER C 67 30.79 5.25 9.82
CA SER C 67 31.06 6.62 9.34
C SER C 67 30.23 7.63 10.13
N LYS C 68 30.50 8.90 9.92
CA LYS C 68 29.70 9.98 10.53
C LYS C 68 29.66 11.15 9.55
N SER C 69 28.53 11.84 9.47
CA SER C 69 28.38 13.06 8.65
C SER C 69 27.50 13.96 9.49
N GLY C 70 28.09 15.00 10.05
CA GLY C 70 27.34 15.94 10.91
C GLY C 70 26.89 15.27 12.18
N ASN C 71 25.58 15.30 12.46
CA ASN C 71 25.05 14.79 13.74
C ASN C 71 24.51 13.38 13.56
N THR C 72 24.86 12.71 12.45
CA THR C 72 24.34 11.36 12.15
C THR C 72 25.47 10.42 11.85
N ALA C 73 25.59 9.35 12.63
CA ALA C 73 26.56 8.28 12.40
C ALA C 73 25.83 7.13 11.71
N SER C 74 26.57 6.35 10.95
CA SER C 74 25.96 5.24 10.21
C SER C 74 26.85 3.99 10.27
N LEU C 75 26.23 2.83 10.47
CA LEU C 75 26.95 1.53 10.44
C LEU C 75 26.48 0.84 9.18
N THR C 76 27.42 0.30 8.42
CA THR C 76 27.10 -0.43 7.19
C THR C 76 27.61 -1.84 7.35
N VAL C 77 26.76 -2.80 7.07
CA VAL C 77 27.12 -4.24 7.10
C VAL C 77 26.99 -4.73 5.66
N SER C 78 28.12 -5.03 5.03
CA SER C 78 28.15 -5.55 3.64
C SER C 78 28.22 -7.09 3.70
N GLY C 79 27.78 -7.76 2.65
CA GLY C 79 27.86 -9.22 2.58
C GLY C 79 27.13 -9.83 3.75
N LEU C 80 25.89 -9.42 3.98
CA LEU C 80 25.11 -9.89 5.14
C LEU C 80 25.21 -11.41 5.28
N GLN C 81 25.59 -11.87 6.46
CA GLN C 81 25.66 -13.31 6.79
C GLN C 81 24.57 -13.59 7.83
N ALA C 82 24.17 -14.85 7.99
CA ALA C 82 23.15 -15.24 8.98
C ALA C 82 23.55 -14.73 10.37
N GLU C 83 24.83 -14.76 10.69
CA GLU C 83 25.32 -14.37 12.05
C GLU C 83 25.15 -12.86 12.30
N ASP C 84 24.84 -12.07 11.28
CA ASP C 84 24.70 -10.59 11.41
C ASP C 84 23.31 -10.27 11.95
N ASP C 85 22.43 -11.27 11.93
CA ASP C 85 21.05 -11.10 12.44
C ASP C 85 21.20 -10.86 13.93
N ALA C 86 20.82 -9.68 14.40
CA ALA C 86 21.08 -9.26 15.78
C ALA C 86 20.53 -7.87 16.03
N ASP C 87 20.57 -7.36 17.26
CA ASP C 87 20.20 -5.96 17.55
C ASP C 87 21.50 -5.15 17.55
N TYR C 88 21.45 -3.92 17.05
CA TYR C 88 22.66 -3.06 16.97
C TYR C 88 22.39 -1.76 17.68
N TYR C 89 23.23 -1.40 18.62
CA TYR C 89 23.10 -0.13 19.36
C TYR C 89 24.27 0.79 19.08
N CYS C 90 24.00 2.09 19.05
CA CYS C 90 25.07 3.09 18.93
C CYS C 90 25.24 3.81 20.27
N SER C 91 26.37 4.44 20.49
CA SER C 91 26.57 5.26 21.70
C SER C 91 27.47 6.43 21.29
N SER C 92 27.39 7.51 22.04
CA SER C 92 28.28 8.66 21.79
C SER C 92 28.48 9.40 23.11
N TYR C 93 29.66 9.95 23.27
CA TYR C 93 29.88 10.82 24.44
C TYR C 93 29.16 12.08 24.10
N GLY C 94 28.71 12.79 25.12
CA GLY C 94 28.05 14.09 24.95
C GLY C 94 28.70 15.11 25.83
N GLY C 95 27.97 16.18 26.18
CA GLY C 95 28.50 17.27 27.01
C GLY C 95 28.45 16.92 28.48
N ASP C 96 29.54 17.18 29.20
CA ASP C 96 29.63 16.96 30.68
C ASP C 96 30.01 15.52 30.97
N ASN C 97 30.84 14.92 30.12
CA ASN C 97 31.34 13.54 30.39
C ASN C 97 30.14 12.58 30.53
N ASN C 98 29.22 12.62 29.58
CA ASN C 98 27.98 11.81 29.65
C ASN C 98 27.97 10.85 28.48
N LEU C 99 27.51 9.63 28.72
CA LEU C 99 27.44 8.61 27.64
C LEU C 99 25.97 8.49 27.25
N PHE C 100 25.71 8.60 25.96
CA PHE C 100 24.34 8.53 25.42
C PHE C 100 24.23 7.32 24.52
N PHE C 101 23.13 6.60 24.60
CA PHE C 101 22.87 5.40 23.80
C PHE C 101 21.66 5.58 22.88
N GLY C 102 21.71 5.00 21.66
CA GLY C 102 20.49 4.85 20.91
C GLY C 102 19.60 3.73 21.41
N GLY C 103 18.42 3.67 20.83
CA GLY C 103 17.45 2.70 21.31
C GLY C 103 17.59 1.31 20.68
N GLY C 104 18.47 1.15 19.65
CA GLY C 104 18.62 -0.17 19.14
C GLY C 104 17.91 -0.31 17.79
N THR C 105 18.56 -1.04 16.89
CA THR C 105 17.95 -1.45 15.61
C THR C 105 17.97 -2.98 15.47
N LYS C 106 16.79 -3.58 15.24
CA LYS C 106 16.71 -4.98 14.97
C LYS C 106 17.04 -5.19 13.49
N VAL C 107 18.16 -5.86 13.21
CA VAL C 107 18.54 -6.14 11.83
C VAL C 107 18.21 -7.62 11.54
N THR C 108 17.27 -7.84 10.70
CA THR C 108 16.94 -9.20 10.22
C THR C 108 17.61 -9.56 8.90
N VAL C 109 18.26 -10.72 8.87
CA VAL C 109 18.70 -11.32 7.61
C VAL C 109 17.54 -12.20 7.17
N LEU C 110 16.80 -11.73 6.15
CA LEU C 110 15.48 -12.32 5.77
C LEU C 110 15.57 -13.82 5.66
N GLY C 111 14.73 -14.50 6.45
CA GLY C 111 14.62 -15.94 6.50
C GLY C 111 13.45 -16.48 5.69
N GLN C 112 12.58 -15.58 5.16
CA GLN C 112 11.38 -15.93 4.45
C GLN C 112 11.01 -14.63 3.77
N PRO C 113 10.03 -14.61 2.92
CA PRO C 113 9.60 -13.32 2.35
C PRO C 113 9.03 -12.35 3.34
N LYS C 114 9.21 -11.08 2.98
CA LYS C 114 8.59 -10.02 3.82
C LYS C 114 7.09 -10.11 3.73
N ALA C 115 6.41 -9.74 4.81
CA ALA C 115 4.96 -9.85 4.87
C ALA C 115 4.46 -8.68 5.71
N ALA C 116 3.59 -7.90 5.14
CA ALA C 116 3.03 -6.73 5.79
C ALA C 116 1.92 -7.14 6.78
N PRO C 117 1.81 -6.46 7.87
CA PRO C 117 0.82 -6.94 8.89
C PRO C 117 -0.64 -6.77 8.49
N SER C 118 -1.45 -7.67 8.99
CA SER C 118 -2.88 -7.39 8.98
C SER C 118 -3.23 -6.73 10.32
N VAL C 119 -3.89 -5.60 10.28
CA VAL C 119 -4.19 -4.80 11.46
C VAL C 119 -5.69 -4.63 11.58
N THR C 120 -6.21 -4.88 12.78
CA THR C 120 -7.64 -4.83 13.04
C THR C 120 -7.78 -4.13 14.39
N LEU C 121 -8.50 -3.00 14.42
CA LEU C 121 -8.71 -2.24 15.64
C LEU C 121 -10.11 -2.45 16.22
N PHE C 122 -10.18 -2.83 17.49
CA PHE C 122 -11.47 -3.11 18.04
C PHE C 122 -11.87 -2.04 19.05
N PRO C 123 -13.06 -1.46 18.96
CA PRO C 123 -13.52 -0.50 19.99
C PRO C 123 -13.86 -1.24 21.29
N PRO C 124 -14.29 -0.51 22.34
CA PRO C 124 -14.57 -1.17 23.63
C PRO C 124 -15.78 -2.09 23.52
N SER C 125 -15.67 -3.24 24.11
CA SER C 125 -16.72 -4.25 24.18
C SER C 125 -17.78 -3.83 25.24
N SER C 126 -19.02 -4.25 25.07
CA SER C 126 -20.08 -3.85 26.01
C SER C 126 -19.79 -4.35 27.43
N GLU C 127 -19.50 -5.63 27.56
CA GLU C 127 -19.22 -6.22 28.90
C GLU C 127 -18.20 -5.36 29.64
N GLU C 128 -17.03 -5.06 29.04
CA GLU C 128 -15.99 -4.33 29.79
C GLU C 128 -16.45 -2.91 30.19
N LEU C 129 -17.23 -2.26 29.34
CA LEU C 129 -17.68 -0.91 29.62
C LEU C 129 -18.59 -0.87 30.83
N GLN C 130 -19.42 -1.89 31.00
CA GLN C 130 -20.22 -1.97 32.24
C GLN C 130 -19.35 -2.34 33.42
N ALA C 131 -18.06 -2.66 33.17
CA ALA C 131 -17.10 -2.74 34.27
C ALA C 131 -16.20 -1.52 34.38
N ASN C 132 -16.60 -0.39 33.82
CA ASN C 132 -15.84 0.85 33.87
C ASN C 132 -14.50 0.74 33.11
N LYS C 133 -14.43 -0.10 32.07
CA LYS C 133 -13.21 -0.21 31.25
C LYS C 133 -13.52 0.01 29.78
N ALA C 134 -12.65 0.75 29.09
CA ALA C 134 -12.85 0.98 27.69
C ALA C 134 -11.56 0.65 26.94
N THR C 135 -10.97 -0.49 27.27
CA THR C 135 -9.73 -0.94 26.64
C THR C 135 -10.02 -1.20 25.17
N LEU C 136 -9.19 -0.60 24.31
CA LEU C 136 -9.19 -0.86 22.87
C LEU C 136 -8.09 -1.84 22.56
N VAL C 137 -8.29 -2.66 21.51
CA VAL C 137 -7.24 -3.59 21.12
C VAL C 137 -6.98 -3.45 19.63
N CYS C 138 -5.70 -3.42 19.31
CA CYS C 138 -5.17 -3.38 17.94
C CYS C 138 -4.45 -4.70 17.71
N LEU C 139 -5.08 -5.58 17.00
CA LEU C 139 -4.56 -6.90 16.66
C LEU C 139 -3.68 -6.78 15.39
N ILE C 140 -2.47 -7.34 15.46
CA ILE C 140 -1.46 -7.21 14.37
C ILE C 140 -0.94 -8.58 14.10
N SER C 141 -1.21 -9.13 12.92
CA SER C 141 -0.86 -10.51 12.63
C SER C 141 -0.24 -10.62 11.23
N ASP C 142 0.30 -11.77 10.97
CA ASP C 142 0.75 -12.13 9.66
C ASP C 142 1.93 -11.31 9.14
N PHE C 143 2.90 -10.90 9.99
CA PHE C 143 3.99 -10.08 9.43
C PHE C 143 5.35 -10.75 9.60
N TYR C 144 6.26 -10.34 8.74
CA TYR C 144 7.63 -10.83 8.79
C TYR C 144 8.43 -9.69 8.18
N PRO C 145 9.58 -9.25 8.71
CA PRO C 145 10.18 -9.73 9.93
C PRO C 145 9.27 -9.42 11.15
N GLY C 146 9.69 -9.96 12.25
CA GLY C 146 8.83 -9.91 13.44
C GLY C 146 9.05 -8.67 14.31
N ALA C 147 9.20 -7.51 13.75
CA ALA C 147 9.34 -6.29 14.50
C ALA C 147 8.34 -5.31 13.96
N VAL C 148 7.62 -4.66 14.89
CA VAL C 148 6.74 -3.54 14.58
C VAL C 148 6.87 -2.47 15.65
N THR C 149 6.42 -1.29 15.30
CA THR C 149 6.23 -0.22 16.26
C THR C 149 4.80 0.27 16.16
N VAL C 150 4.18 0.53 17.32
CA VAL C 150 2.79 0.95 17.37
C VAL C 150 2.70 2.35 17.97
N ALA C 151 1.88 3.19 17.36
CA ALA C 151 1.57 4.51 17.82
C ALA C 151 0.05 4.67 17.89
N TRP C 152 -0.43 5.21 19.03
CA TRP C 152 -1.87 5.45 19.21
C TRP C 152 -2.18 6.93 19.14
N LYS C 153 -3.33 7.26 18.63
CA LYS C 153 -3.82 8.64 18.59
C LYS C 153 -5.25 8.80 19.12
N ALA C 154 -5.47 9.96 19.72
CA ALA C 154 -6.77 10.41 20.20
C ALA C 154 -7.14 11.69 19.45
N ASP C 155 -8.12 11.60 18.55
CA ASP C 155 -8.52 12.73 17.70
C ASP C 155 -7.30 13.44 17.11
N SER C 156 -6.39 12.66 16.56
CA SER C 156 -5.22 13.15 15.85
C SER C 156 -4.10 13.61 16.78
N SER C 157 -4.24 13.48 18.08
CA SER C 157 -3.14 13.80 18.97
C SER C 157 -2.49 12.54 19.54
N PRO C 158 -1.18 12.50 19.65
CA PRO C 158 -0.51 11.26 20.06
C PRO C 158 -0.83 10.93 21.51
N VAL C 159 -1.19 9.67 21.75
CA VAL C 159 -1.49 9.23 23.09
C VAL C 159 -0.32 8.43 23.58
N LYS C 160 0.24 8.84 24.70
CA LYS C 160 1.41 8.19 25.25
C LYS C 160 1.02 7.12 26.29
N ALA C 161 0.15 7.49 27.23
CA ALA C 161 -0.01 6.66 28.39
C ALA C 161 -1.11 5.64 28.21
N GLY C 162 -0.98 4.54 28.95
CA GLY C 162 -1.94 3.48 28.94
C GLY C 162 -1.71 2.39 27.90
N VAL C 163 -0.57 2.43 27.22
CA VAL C 163 -0.32 1.55 26.07
C VAL C 163 0.57 0.38 26.49
N GLU C 164 0.18 -0.80 26.12
CA GLU C 164 0.96 -2.04 26.25
C GLU C 164 0.97 -2.74 24.90
N THR C 165 2.10 -3.24 24.44
CA THR C 165 2.15 -4.04 23.21
C THR C 165 2.91 -5.33 23.49
N THR C 166 2.37 -6.44 23.09
CA THR C 166 2.97 -7.68 23.45
C THR C 166 4.21 -7.85 22.56
N THR C 167 5.07 -8.71 23.00
CA THR C 167 6.24 -9.13 22.17
C THR C 167 5.78 -10.02 21.00
N PRO C 168 6.20 -9.72 19.77
CA PRO C 168 5.69 -10.50 18.66
C PRO C 168 6.12 -11.95 18.81
N SER C 169 5.16 -12.86 18.55
CA SER C 169 5.39 -14.31 18.71
C SER C 169 5.03 -15.02 17.41
N LYS C 170 5.87 -15.93 16.93
CA LYS C 170 5.61 -16.57 15.63
C LYS C 170 4.44 -17.54 15.79
N GLN C 171 3.50 -17.46 14.95
CA GLN C 171 2.27 -18.24 15.01
C GLN C 171 2.36 -19.45 14.10
N SER C 172 1.28 -20.20 13.99
CA SER C 172 1.36 -21.50 13.35
C SER C 172 1.66 -21.42 11.83
N ASN C 173 1.35 -20.29 11.17
CA ASN C 173 1.68 -20.05 9.75
C ASN C 173 3.11 -19.51 9.56
N ASN C 174 3.92 -19.46 10.63
CA ASN C 174 5.30 -18.99 10.66
C ASN C 174 5.46 -17.51 10.41
N LYS C 175 4.39 -16.73 10.50
CA LYS C 175 4.45 -15.27 10.54
C LYS C 175 4.12 -14.77 11.97
N TYR C 176 4.52 -13.52 12.27
CA TYR C 176 4.40 -13.00 13.65
C TYR C 176 3.09 -12.31 13.92
N ALA C 177 2.66 -12.31 15.17
CA ALA C 177 1.50 -11.59 15.63
C ALA C 177 1.77 -10.98 17.01
N ALA C 178 0.99 -9.95 17.32
CA ALA C 178 1.15 -9.15 18.52
C ALA C 178 -0.13 -8.35 18.64
N SER C 179 -0.34 -7.86 19.84
CA SER C 179 -1.53 -7.03 20.09
C SER C 179 -1.10 -5.83 20.91
N SER C 180 -1.57 -4.67 20.56
CA SER C 180 -1.42 -3.50 21.37
C SER C 180 -2.76 -3.20 22.04
N TYR C 181 -2.76 -2.86 23.31
CA TYR C 181 -4.02 -2.47 23.93
C TYR C 181 -3.81 -1.16 24.73
N LEU C 182 -4.80 -0.25 24.56
CA LEU C 182 -4.84 1.07 25.14
C LEU C 182 -5.93 1.04 26.24
N SER C 183 -5.54 1.19 27.49
CA SER C 183 -6.38 0.95 28.65
C SER C 183 -7.13 2.22 29.05
N LEU C 184 -8.13 2.59 28.28
CA LEU C 184 -8.82 3.83 28.44
C LEU C 184 -9.92 3.71 29.51
N THR C 185 -10.26 4.88 30.15
CA THR C 185 -11.50 4.93 30.93
C THR C 185 -12.66 5.16 29.96
N PRO C 186 -13.85 4.74 30.36
CA PRO C 186 -15.03 5.08 29.54
C PRO C 186 -15.19 6.56 29.30
N GLU C 187 -14.79 7.39 30.27
CA GLU C 187 -14.88 8.84 30.13
C GLU C 187 -13.93 9.35 29.06
N GLN C 188 -12.69 8.85 29.05
CA GLN C 188 -11.77 9.12 27.95
C GLN C 188 -12.35 8.67 26.59
N TRP C 189 -12.73 7.39 26.48
CA TRP C 189 -13.26 6.91 25.22
C TRP C 189 -14.34 7.80 24.64
N LYS C 190 -15.29 8.24 25.49
CA LYS C 190 -16.40 9.09 25.07
C LYS C 190 -15.95 10.54 24.87
N SER C 191 -14.90 10.95 25.55
CA SER C 191 -14.40 12.32 25.44
C SER C 191 -13.98 12.68 24.02
N HIS C 192 -13.43 11.73 23.25
CA HIS C 192 -12.91 12.04 21.92
C HIS C 192 -13.81 11.45 20.84
N ARG C 193 -13.65 11.97 19.62
CA ARG C 193 -14.49 11.53 18.48
C ARG C 193 -13.90 10.36 17.67
N SER C 194 -12.66 9.99 17.91
CA SER C 194 -12.10 8.78 17.31
C SER C 194 -10.77 8.48 17.98
N TYR C 195 -10.39 7.22 17.92
CA TYR C 195 -9.06 6.81 18.32
C TYR C 195 -8.44 6.02 17.16
N SER C 196 -7.11 6.07 17.09
CA SER C 196 -6.40 5.43 15.98
C SER C 196 -5.20 4.64 16.47
N CYS C 197 -4.93 3.55 15.75
CA CYS C 197 -3.77 2.70 15.97
C CYS C 197 -3.01 2.72 14.67
N GLN C 198 -1.77 3.10 14.76
CA GLN C 198 -0.85 3.20 13.60
C GLN C 198 0.27 2.21 13.80
N VAL C 199 0.43 1.30 12.84
CA VAL C 199 1.38 0.23 12.94
C VAL C 199 2.42 0.46 11.84
N THR C 200 3.70 0.48 12.25
CA THR C 200 4.86 0.64 11.33
C THR C 200 5.62 -0.69 11.17
N HIS C 201 5.93 -1.02 9.94
CA HIS C 201 6.60 -2.29 9.66
C HIS C 201 7.47 -2.14 8.41
N GLU C 202 8.73 -2.50 8.48
CA GLU C 202 9.62 -2.33 7.28
C GLU C 202 9.42 -0.93 6.68
N GLY C 203 9.40 0.07 7.57
CA GLY C 203 9.30 1.47 7.20
C GLY C 203 7.95 1.99 6.71
N SER C 204 6.93 1.16 6.52
CA SER C 204 5.67 1.63 5.97
C SER C 204 4.62 1.54 7.06
N THR C 205 3.60 2.35 6.93
CA THR C 205 2.61 2.49 8.03
C THR C 205 1.24 2.03 7.52
N VAL C 206 0.40 1.64 8.48
CA VAL C 206 -1.00 1.48 8.21
C VAL C 206 -1.70 1.95 9.47
N GLU C 207 -2.83 2.60 9.30
CA GLU C 207 -3.56 3.20 10.42
C GLU C 207 -5.03 2.85 10.33
N LYS C 208 -5.59 2.45 11.48
CA LYS C 208 -6.98 2.06 11.58
C LYS C 208 -7.62 2.98 12.60
N THR C 209 -8.88 3.30 12.39
CA THR C 209 -9.55 4.26 13.27
C THR C 209 -10.90 3.68 13.67
N VAL C 210 -11.30 3.95 14.92
CA VAL C 210 -12.64 3.61 15.42
C VAL C 210 -13.19 4.78 16.22
N ALA C 211 -14.51 4.80 16.38
CA ALA C 211 -15.11 5.91 17.10
C ALA C 211 -16.31 5.45 17.92
N PRO C 212 -16.66 6.21 18.94
CA PRO C 212 -17.80 5.82 19.80
C PRO C 212 -19.08 5.71 19.00
N THR C 213 -19.92 4.73 19.34
CA THR C 213 -21.01 4.35 18.45
C THR C 213 -22.33 4.21 19.20
N GLU C 214 -23.39 4.21 18.37
CA GLU C 214 -24.78 4.02 18.79
C GLU C 214 -25.22 2.61 18.44
N CYS C 215 -25.54 1.81 19.45
CA CYS C 215 -26.06 0.45 19.25
C CYS C 215 -26.30 -0.24 20.58
N GLN D 1 39.02 -12.77 22.01
CA GLN D 1 38.22 -11.72 22.69
C GLN D 1 37.57 -12.29 23.96
N SER D 2 38.25 -12.22 25.09
CA SER D 2 37.77 -12.94 26.27
C SER D 2 36.63 -12.21 26.97
N ALA D 3 35.79 -12.99 27.68
CA ALA D 3 34.65 -12.56 28.42
C ALA D 3 35.05 -12.41 29.87
N LEU D 4 34.58 -11.33 30.50
CA LEU D 4 34.51 -11.25 31.98
C LEU D 4 33.64 -12.39 32.50
N THR D 5 33.95 -12.88 33.74
CA THR D 5 33.27 -14.07 34.27
C THR D 5 32.19 -13.70 35.27
N GLN D 6 30.97 -13.94 34.90
CA GLN D 6 29.77 -13.80 35.72
C GLN D 6 29.11 -15.15 35.97
N PRO D 7 28.53 -15.39 37.15
CA PRO D 7 27.77 -16.63 37.33
C PRO D 7 26.60 -16.63 36.44
N PRO D 8 26.17 -17.81 35.91
CA PRO D 8 25.06 -17.80 34.95
C PRO D 8 23.74 -17.38 35.60
N SER D 9 23.56 -17.65 36.87
CA SER D 9 22.25 -17.42 37.45
C SER D 9 22.36 -17.05 38.93
N ALA D 10 21.29 -16.47 39.46
CA ALA D 10 21.18 -16.07 40.85
C ALA D 10 19.71 -15.91 41.12
N SER D 11 19.32 -16.06 42.38
CA SER D 11 17.90 -15.94 42.70
C SER D 11 17.67 -15.48 44.13
N GLY D 12 16.49 -14.92 44.34
CA GLY D 12 15.99 -14.64 45.68
C GLY D 12 14.52 -14.29 45.63
N SER D 13 13.89 -14.38 46.77
CA SER D 13 12.50 -13.96 46.87
C SER D 13 12.37 -12.47 47.13
N PRO D 14 11.17 -11.95 46.99
CA PRO D 14 10.96 -10.52 47.18
C PRO D 14 11.47 -10.12 48.56
N GLY D 15 12.19 -9.00 48.59
CA GLY D 15 12.81 -8.50 49.82
C GLY D 15 14.20 -9.02 50.08
N GLN D 16 14.63 -10.10 49.44
CA GLN D 16 15.96 -10.54 49.68
C GLN D 16 16.95 -9.65 48.96
N SER D 17 18.23 -9.81 49.37
CA SER D 17 19.39 -9.27 48.65
C SER D 17 20.05 -10.32 47.82
N VAL D 18 20.59 -9.88 46.68
CA VAL D 18 21.40 -10.75 45.86
C VAL D 18 22.65 -10.00 45.41
N THR D 19 23.76 -10.71 45.34
CA THR D 19 25.04 -10.20 44.94
C THR D 19 25.56 -11.03 43.78
N ILE D 20 26.09 -10.38 42.75
CA ILE D 20 26.60 -11.11 41.61
C ILE D 20 27.96 -10.56 41.27
N SER D 21 28.89 -11.44 40.92
CA SER D 21 30.27 -11.05 40.68
C SER D 21 30.58 -11.01 39.20
N CYS D 22 31.62 -10.33 38.92
CA CYS D 22 32.10 -10.03 37.58
C CYS D 22 33.63 -10.02 37.70
N THR D 23 34.28 -11.11 37.28
CA THR D 23 35.71 -11.29 37.47
C THR D 23 36.44 -11.13 36.13
N GLY D 24 37.44 -10.22 36.08
CA GLY D 24 38.30 -10.02 34.94
C GLY D 24 39.76 -10.16 35.34
N THR D 25 40.56 -9.24 34.82
CA THR D 25 42.01 -9.25 35.08
C THR D 25 42.49 -7.90 35.55
N SER D 26 43.80 -7.81 35.81
CA SER D 26 44.38 -6.56 36.24
C SER D 26 44.48 -5.52 35.13
N SER D 27 44.47 -5.93 33.86
CA SER D 27 44.39 -5.01 32.74
C SER D 27 42.96 -4.58 32.36
N ASP D 28 41.90 -5.15 32.98
CA ASP D 28 40.57 -4.63 32.72
C ASP D 28 39.87 -4.27 34.05
N VAL D 29 39.19 -5.21 34.68
CA VAL D 29 38.45 -4.88 35.90
C VAL D 29 39.41 -4.26 36.94
N GLY D 30 40.52 -4.91 37.17
CA GLY D 30 41.44 -4.45 38.20
C GLY D 30 42.34 -3.31 37.72
N GLY D 31 42.12 -2.80 36.51
CA GLY D 31 43.05 -1.82 35.96
C GLY D 31 42.54 -0.40 35.96
N SER D 32 41.29 -0.21 36.35
CA SER D 32 40.72 1.15 36.37
C SER D 32 39.31 1.08 36.97
N ASP D 33 38.66 2.23 37.13
CA ASP D 33 37.33 2.29 37.67
C ASP D 33 36.30 2.49 36.56
N SER D 34 36.44 1.80 35.46
CA SER D 34 35.46 1.93 34.38
C SER D 34 34.54 0.71 34.21
N VAL D 35 34.06 0.16 35.34
CA VAL D 35 33.17 -0.99 35.35
C VAL D 35 31.73 -0.49 35.30
N SER D 36 30.96 -1.07 34.37
CA SER D 36 29.54 -0.77 34.27
C SER D 36 28.69 -2.03 34.38
N TRP D 37 27.48 -1.85 34.81
CA TRP D 37 26.44 -2.91 34.90
C TRP D 37 25.22 -2.43 34.14
N TYR D 38 24.62 -3.37 33.44
CA TYR D 38 23.38 -3.09 32.68
C TYR D 38 22.37 -4.08 33.13
N GLN D 39 21.10 -3.72 33.07
CA GLN D 39 20.00 -4.61 33.32
C GLN D 39 19.25 -4.82 32.03
N GLN D 40 18.83 -6.04 31.74
CA GLN D 40 18.05 -6.26 30.51
C GLN D 40 16.93 -7.27 30.63
N HIS D 41 15.73 -6.78 30.51
CA HIS D 41 14.58 -7.65 30.40
C HIS D 41 14.59 -8.38 29.05
N PRO D 42 14.20 -9.64 29.01
CA PRO D 42 14.11 -10.40 27.75
C PRO D 42 13.29 -9.68 26.69
N GLY D 43 13.91 -9.51 25.54
CA GLY D 43 13.26 -8.90 24.38
C GLY D 43 13.22 -7.39 24.39
N LYS D 44 13.85 -6.74 25.38
CA LYS D 44 13.85 -5.30 25.48
C LYS D 44 15.28 -4.74 25.43
N ALA D 45 15.37 -3.50 25.06
CA ALA D 45 16.67 -2.76 25.13
C ALA D 45 17.18 -2.80 26.57
N PRO D 46 18.49 -2.88 26.77
CA PRO D 46 19.00 -2.77 28.17
C PRO D 46 18.90 -1.39 28.80
N LYS D 47 19.36 -1.29 30.05
CA LYS D 47 19.42 -0.02 30.78
C LYS D 47 20.71 -0.04 31.63
N LEU D 48 21.60 0.92 31.42
CA LEU D 48 22.76 1.09 32.28
C LEU D 48 22.28 1.41 33.70
N ILE D 49 22.74 0.62 34.68
CA ILE D 49 22.37 0.86 36.07
C ILE D 49 23.52 1.24 36.99
N ILE D 50 24.77 0.97 36.60
CA ILE D 50 25.96 1.42 37.31
C ILE D 50 27.01 1.75 36.26
N TYR D 51 27.75 2.85 36.49
CA TYR D 51 28.97 3.15 35.74
C TYR D 51 30.06 3.56 36.72
N GLU D 52 31.31 3.49 36.29
CA GLU D 52 32.43 3.92 37.10
C GLU D 52 32.35 3.22 38.47
N VAL D 53 32.09 1.92 38.38
CA VAL D 53 32.09 0.93 39.48
C VAL D 53 30.88 1.05 40.38
N SER D 54 30.51 2.29 40.79
CA SER D 54 29.53 2.51 41.83
C SER D 54 28.46 3.49 41.53
N GLN D 55 28.53 4.21 40.45
CA GLN D 55 27.68 5.38 40.24
C GLN D 55 26.36 4.94 39.58
N ARG D 56 25.27 5.41 40.11
CA ARG D 56 23.92 5.15 39.56
C ARG D 56 23.46 6.32 38.71
N PRO D 57 23.01 6.04 37.48
CA PRO D 57 22.39 7.09 36.67
C PRO D 57 21.09 7.49 37.27
N SER D 58 20.62 8.65 36.82
CA SER D 58 19.30 9.12 37.27
C SER D 58 18.28 8.05 36.99
N GLY D 59 17.33 7.92 37.89
CA GLY D 59 16.20 6.99 37.76
C GLY D 59 16.46 5.57 38.20
N VAL D 60 17.69 5.23 38.56
CA VAL D 60 18.03 3.92 39.03
C VAL D 60 17.93 3.91 40.59
N PRO D 61 17.10 3.09 41.19
CA PRO D 61 16.93 3.23 42.66
C PRO D 61 18.21 2.84 43.41
N ASN D 62 18.30 3.33 44.65
CA ASN D 62 19.54 3.15 45.44
C ASN D 62 19.64 1.75 45.96
N ARG D 63 18.63 0.93 45.67
CA ARG D 63 18.70 -0.52 45.84
C ARG D 63 19.87 -1.18 45.10
N PHE D 64 20.35 -0.59 44.00
CA PHE D 64 21.40 -1.21 43.21
C PHE D 64 22.70 -0.58 43.64
N SER D 65 23.59 -1.36 44.28
CA SER D 65 24.93 -0.84 44.65
C SER D 65 25.99 -1.58 43.85
N GLY D 66 27.12 -0.98 43.50
CA GLY D 66 28.25 -1.61 42.86
C GLY D 66 29.56 -1.30 43.57
N SER D 67 30.41 -2.28 43.60
CA SER D 67 31.71 -2.18 44.24
C SER D 67 32.72 -2.98 43.44
N LYS D 68 34.00 -2.87 43.81
CA LYS D 68 35.04 -3.72 43.27
C LYS D 68 36.11 -3.96 44.32
N SER D 69 36.80 -5.09 44.18
CA SER D 69 37.91 -5.49 45.01
C SER D 69 38.86 -6.27 44.13
N GLY D 70 40.06 -5.73 43.92
CA GLY D 70 40.99 -6.43 43.03
C GLY D 70 40.43 -6.62 41.62
N ASN D 71 40.35 -7.85 41.16
CA ASN D 71 39.94 -8.10 39.78
C ASN D 71 38.49 -8.49 39.69
N THR D 72 37.72 -8.29 40.75
CA THR D 72 36.34 -8.72 40.77
C THR D 72 35.41 -7.58 41.15
N ALA D 73 34.49 -7.28 40.27
CA ALA D 73 33.43 -6.33 40.58
C ALA D 73 32.18 -7.06 41.05
N SER D 74 31.38 -6.37 41.84
CA SER D 74 30.16 -6.92 42.38
C SER D 74 29.01 -5.93 42.33
N LEU D 75 27.83 -6.45 42.02
CA LEU D 75 26.59 -5.71 42.02
C LEU D 75 25.75 -6.31 43.12
N THR D 76 25.14 -5.50 43.95
CA THR D 76 24.17 -6.00 44.92
C THR D 76 22.85 -5.33 44.69
N VAL D 77 21.82 -6.13 44.66
CA VAL D 77 20.48 -5.70 44.50
C VAL D 77 19.76 -5.99 45.81
N SER D 78 19.40 -4.97 46.49
CA SER D 78 18.72 -5.18 47.76
C SER D 78 17.24 -4.95 47.54
N GLY D 79 16.46 -5.45 48.51
CA GLY D 79 15.08 -5.28 48.45
C GLY D 79 14.46 -5.82 47.16
N LEU D 80 14.77 -7.04 46.80
CA LEU D 80 14.42 -7.50 45.45
C LEU D 80 12.92 -7.35 45.21
N GLN D 81 12.62 -6.93 43.99
CA GLN D 81 11.27 -6.71 43.51
C GLN D 81 11.05 -7.38 42.14
N ALA D 82 9.77 -7.64 41.79
CA ALA D 82 9.47 -8.35 40.55
C ALA D 82 10.19 -7.77 39.33
N GLU D 83 10.18 -6.45 39.19
CA GLU D 83 10.81 -5.77 38.03
C GLU D 83 12.34 -5.98 37.99
N ASP D 84 12.96 -6.59 39.02
CA ASP D 84 14.37 -6.85 38.99
C ASP D 84 14.70 -8.18 38.35
N ASP D 85 13.69 -9.00 38.04
CA ASP D 85 13.88 -10.28 37.37
C ASP D 85 14.28 -9.95 35.92
N ALA D 86 15.45 -10.31 35.58
CA ALA D 86 16.14 -9.83 34.37
C ALA D 86 17.52 -10.40 34.20
N ASP D 87 18.16 -10.05 33.09
CA ASP D 87 19.53 -10.39 32.83
C ASP D 87 20.39 -9.19 33.16
N TYR D 88 21.56 -9.44 33.74
CA TYR D 88 22.47 -8.36 34.15
C TYR D 88 23.82 -8.60 33.52
N TYR D 89 24.43 -7.64 32.85
CA TYR D 89 25.74 -7.74 32.23
C TYR D 89 26.70 -6.77 32.91
N CYS D 90 27.94 -7.18 33.09
CA CYS D 90 29.00 -6.23 33.36
C CYS D 90 29.88 -5.98 32.15
N SER D 91 30.64 -4.89 32.19
CA SER D 91 31.59 -4.46 31.16
C SER D 91 32.71 -3.73 31.90
N SER D 92 33.88 -3.68 31.26
CA SER D 92 35.03 -2.95 31.84
C SER D 92 36.01 -2.62 30.72
N TYR D 93 36.20 -1.34 30.37
CA TYR D 93 37.22 -0.99 29.39
C TYR D 93 38.53 -1.63 29.85
N GLY D 94 39.33 -2.06 28.88
CA GLY D 94 40.68 -2.46 29.20
C GLY D 94 41.70 -1.63 28.41
N GLY D 95 42.82 -2.24 28.10
CA GLY D 95 43.79 -1.59 27.21
C GLY D 95 43.38 -1.60 25.72
N ASP D 96 44.12 -0.80 24.94
CA ASP D 96 43.97 -0.66 23.48
C ASP D 96 42.52 -0.51 23.05
N ASN D 97 41.79 0.40 23.72
CA ASN D 97 40.40 0.68 23.40
C ASN D 97 39.49 -0.56 23.46
N ASN D 98 39.86 -1.61 24.16
CA ASN D 98 39.02 -2.79 24.21
C ASN D 98 37.93 -2.58 25.25
N LEU D 99 36.76 -3.16 24.99
CA LEU D 99 35.64 -3.21 25.98
C LEU D 99 35.28 -4.66 26.19
N PHE D 100 35.43 -5.16 27.39
CA PHE D 100 35.15 -6.55 27.74
C PHE D 100 33.76 -6.64 28.37
N PHE D 101 33.00 -7.68 28.00
CA PHE D 101 31.69 -7.92 28.58
C PHE D 101 31.71 -9.25 29.30
N GLY D 102 30.95 -9.31 30.33
CA GLY D 102 30.69 -10.61 30.93
C GLY D 102 29.57 -11.34 30.22
N GLY D 103 29.48 -12.62 30.52
CA GLY D 103 28.50 -13.46 29.87
C GLY D 103 27.09 -13.24 30.31
N GLY D 104 26.86 -12.45 31.39
CA GLY D 104 25.54 -12.17 31.88
C GLY D 104 25.07 -13.12 32.99
N THR D 105 24.25 -12.57 33.88
CA THR D 105 23.66 -13.37 34.94
C THR D 105 22.17 -13.16 34.86
N LYS D 106 21.42 -14.24 34.78
CA LYS D 106 19.95 -14.19 34.88
C LYS D 106 19.52 -14.23 36.35
N VAL D 107 18.95 -13.12 36.79
CA VAL D 107 18.42 -13.01 38.15
C VAL D 107 16.98 -13.40 38.12
N THR D 108 16.65 -14.45 38.86
CA THR D 108 15.25 -14.86 39.06
C THR D 108 14.68 -14.41 40.40
N VAL D 109 13.56 -13.69 40.40
CA VAL D 109 12.85 -13.31 41.62
C VAL D 109 11.81 -14.40 41.86
N LEU D 110 12.14 -15.29 42.79
CA LEU D 110 11.29 -16.43 43.15
C LEU D 110 10.01 -16.02 43.84
N GLY D 111 8.96 -16.80 43.63
CA GLY D 111 7.74 -16.60 44.40
C GLY D 111 7.01 -15.31 44.19
N GLN D 112 7.00 -14.80 42.97
CA GLN D 112 6.16 -13.66 42.66
C GLN D 112 4.69 -14.05 42.80
N PRO D 113 3.81 -13.08 43.03
CA PRO D 113 2.40 -13.42 43.35
C PRO D 113 1.67 -14.04 42.16
N LYS D 114 0.99 -15.15 42.41
CA LYS D 114 0.04 -15.67 41.43
C LYS D 114 -1.00 -14.60 41.12
N ALA D 115 -1.42 -14.52 39.86
CA ALA D 115 -2.46 -13.56 39.49
C ALA D 115 -3.30 -14.16 38.39
N ALA D 116 -4.60 -14.09 38.55
CA ALA D 116 -5.48 -14.60 37.51
C ALA D 116 -5.69 -13.62 36.35
N PRO D 117 -6.05 -14.13 35.17
CA PRO D 117 -6.14 -13.27 34.01
C PRO D 117 -7.34 -12.37 34.03
N SER D 118 -7.15 -11.16 33.55
CA SER D 118 -8.26 -10.34 33.13
C SER D 118 -8.52 -10.74 31.67
N VAL D 119 -9.79 -11.09 31.34
CA VAL D 119 -10.13 -11.66 30.03
C VAL D 119 -11.21 -10.78 29.36
N THR D 120 -10.94 -10.29 28.18
CA THR D 120 -11.84 -9.36 27.52
C THR D 120 -12.08 -9.88 26.12
N LEU D 121 -13.35 -10.07 25.76
CA LEU D 121 -13.69 -10.65 24.46
C LEU D 121 -14.35 -9.63 23.55
N PHE D 122 -13.79 -9.46 22.38
CA PHE D 122 -14.24 -8.37 21.48
C PHE D 122 -14.90 -9.02 20.25
N PRO D 123 -16.09 -8.61 19.85
CA PRO D 123 -16.72 -9.11 18.70
C PRO D 123 -16.18 -8.42 17.47
N PRO D 124 -16.55 -8.89 16.27
CA PRO D 124 -16.00 -8.30 15.03
C PRO D 124 -16.34 -6.81 14.94
N SER D 125 -15.37 -6.00 14.58
CA SER D 125 -15.60 -4.57 14.46
C SER D 125 -16.36 -4.25 13.18
N SER D 126 -16.85 -3.02 13.12
CA SER D 126 -17.62 -2.60 11.94
C SER D 126 -16.77 -2.69 10.67
N GLU D 127 -15.58 -2.08 10.71
CA GLU D 127 -14.77 -1.98 9.49
C GLU D 127 -14.43 -3.37 8.97
N GLU D 128 -14.05 -4.30 9.84
CA GLU D 128 -13.58 -5.58 9.31
C GLU D 128 -14.73 -6.37 8.69
N LEU D 129 -15.94 -6.27 9.23
CA LEU D 129 -17.07 -6.96 8.59
C LEU D 129 -17.38 -6.36 7.22
N GLN D 130 -17.23 -5.03 7.10
CA GLN D 130 -17.33 -4.41 5.78
C GLN D 130 -16.37 -5.05 4.78
N ALA D 131 -15.19 -5.42 5.25
CA ALA D 131 -14.17 -6.07 4.43
C ALA D 131 -14.33 -7.58 4.40
N ASN D 132 -15.51 -8.06 4.74
CA ASN D 132 -15.79 -9.49 4.67
C ASN D 132 -14.89 -10.33 5.57
N LYS D 133 -14.52 -9.81 6.72
CA LYS D 133 -13.83 -10.59 7.74
C LYS D 133 -14.58 -10.44 9.08
N ALA D 134 -14.42 -11.39 9.96
CA ALA D 134 -15.06 -11.29 11.28
C ALA D 134 -14.22 -11.92 12.40
N THR D 135 -12.98 -11.52 12.48
CA THR D 135 -12.07 -12.02 13.52
C THR D 135 -12.50 -11.51 14.90
N LEU D 136 -12.52 -12.40 15.85
CA LEU D 136 -12.72 -12.03 17.24
C LEU D 136 -11.38 -12.02 17.94
N VAL D 137 -11.23 -11.18 18.95
CA VAL D 137 -10.02 -11.23 19.75
C VAL D 137 -10.36 -11.34 21.25
N CYS D 138 -9.75 -12.26 21.93
CA CYS D 138 -9.83 -12.51 23.37
C CYS D 138 -8.52 -11.98 23.99
N LEU D 139 -8.59 -10.85 24.62
CA LEU D 139 -7.39 -10.25 25.22
C LEU D 139 -7.23 -10.75 26.66
N ILE D 140 -6.02 -11.19 26.99
CA ILE D 140 -5.73 -11.89 28.26
C ILE D 140 -4.54 -11.19 28.89
N SER D 141 -4.75 -10.55 30.05
CA SER D 141 -3.70 -9.74 30.64
C SER D 141 -3.68 -9.91 32.15
N ASP D 142 -2.58 -9.45 32.72
CA ASP D 142 -2.40 -9.31 34.16
C ASP D 142 -2.35 -10.65 34.86
N PHE D 143 -1.81 -11.68 34.21
CA PHE D 143 -1.69 -12.96 34.82
C PHE D 143 -0.24 -13.38 35.09
N TYR D 144 -0.10 -14.30 36.02
CA TYR D 144 1.21 -14.71 36.53
C TYR D 144 0.99 -16.05 37.23
N PRO D 145 1.74 -17.07 36.90
CA PRO D 145 2.86 -17.04 35.96
C PRO D 145 2.39 -17.10 34.49
N GLY D 146 3.35 -17.18 33.57
CA GLY D 146 3.03 -16.82 32.19
C GLY D 146 2.57 -17.94 31.32
N ALA D 147 1.69 -18.77 31.86
CA ALA D 147 1.31 -19.97 31.11
C ALA D 147 -0.20 -20.04 31.11
N VAL D 148 -0.83 -20.18 29.92
CA VAL D 148 -2.28 -20.24 29.83
C VAL D 148 -2.67 -21.17 28.70
N THR D 149 -3.89 -21.73 28.79
CA THR D 149 -4.48 -22.42 27.65
C THR D 149 -5.84 -21.84 27.34
N VAL D 150 -6.19 -21.86 26.04
CA VAL D 150 -7.38 -21.19 25.56
C VAL D 150 -8.16 -22.19 24.77
N ALA D 151 -9.49 -22.17 24.93
CA ALA D 151 -10.44 -22.95 24.15
C ALA D 151 -11.53 -22.01 23.69
N TRP D 152 -12.06 -22.28 22.49
CA TRP D 152 -13.12 -21.41 21.97
C TRP D 152 -14.32 -22.31 21.72
N LYS D 153 -15.54 -21.73 21.88
CA LYS D 153 -16.78 -22.41 21.60
C LYS D 153 -17.59 -21.60 20.61
N ALA D 154 -18.34 -22.31 19.76
CA ALA D 154 -19.40 -21.75 18.91
C ALA D 154 -20.76 -22.26 19.47
N ASP D 155 -21.61 -21.35 19.88
CA ASP D 155 -22.67 -21.72 20.79
C ASP D 155 -22.05 -22.53 21.94
N SER D 156 -22.47 -23.79 22.16
CA SER D 156 -21.93 -24.63 23.25
C SER D 156 -20.86 -25.60 22.73
N SER D 157 -20.57 -25.64 21.42
CA SER D 157 -19.66 -26.66 20.86
C SER D 157 -18.22 -26.19 20.70
N PRO D 158 -17.27 -27.08 20.86
CA PRO D 158 -15.87 -26.74 20.63
C PRO D 158 -15.64 -26.25 19.23
N VAL D 159 -14.86 -25.17 19.11
CA VAL D 159 -14.36 -24.67 17.83
C VAL D 159 -12.89 -25.07 17.77
N LYS D 160 -12.47 -25.80 16.76
CA LYS D 160 -11.11 -26.30 16.67
C LYS D 160 -10.30 -25.67 15.54
N ALA D 161 -10.93 -25.00 14.60
CA ALA D 161 -10.27 -24.34 13.49
C ALA D 161 -10.27 -22.84 13.66
N GLY D 162 -9.23 -22.24 13.11
CA GLY D 162 -9.24 -20.83 13.00
C GLY D 162 -8.60 -20.12 14.16
N VAL D 163 -8.07 -20.87 15.14
CA VAL D 163 -7.61 -20.24 16.41
C VAL D 163 -6.10 -20.07 16.52
N GLU D 164 -5.62 -18.85 16.77
CA GLU D 164 -4.23 -18.59 17.14
C GLU D 164 -4.16 -17.95 18.52
N THR D 165 -3.10 -18.28 19.28
CA THR D 165 -2.83 -17.57 20.50
C THR D 165 -1.36 -17.17 20.60
N THR D 166 -1.14 -15.94 20.98
CA THR D 166 0.24 -15.48 21.06
C THR D 166 0.93 -16.05 22.26
N THR D 167 2.25 -16.02 22.17
CA THR D 167 3.08 -16.43 23.35
C THR D 167 3.04 -15.36 24.42
N PRO D 168 2.65 -15.68 25.66
CA PRO D 168 2.50 -14.64 26.67
C PRO D 168 3.80 -13.91 26.86
N SER D 169 3.71 -12.57 26.94
CA SER D 169 4.89 -11.73 27.17
C SER D 169 4.64 -10.86 28.41
N LYS D 170 5.71 -10.62 29.16
CA LYS D 170 5.63 -9.77 30.34
C LYS D 170 5.50 -8.29 29.98
N GLN D 171 4.59 -7.60 30.65
CA GLN D 171 4.27 -6.22 30.34
C GLN D 171 4.84 -5.32 31.46
N SER D 172 4.58 -4.01 31.37
CA SER D 172 5.16 -3.07 32.29
C SER D 172 4.74 -3.33 33.74
N ASN D 173 3.59 -3.97 33.98
CA ASN D 173 3.22 -4.31 35.34
C ASN D 173 3.83 -5.59 35.85
N ASN D 174 4.78 -6.18 35.09
CA ASN D 174 5.42 -7.44 35.48
C ASN D 174 4.51 -8.64 35.45
N LYS D 175 3.38 -8.52 34.76
CA LYS D 175 2.47 -9.63 34.58
C LYS D 175 2.33 -9.85 33.08
N TYR D 176 1.76 -10.96 32.70
CA TYR D 176 1.78 -11.44 31.31
C TYR D 176 0.52 -11.02 30.59
N ALA D 177 0.63 -10.89 29.27
CA ALA D 177 -0.50 -10.53 28.44
C ALA D 177 -0.39 -11.41 27.20
N ALA D 178 -1.54 -11.72 26.63
CA ALA D 178 -1.53 -12.41 25.35
C ALA D 178 -2.93 -12.23 24.72
N SER D 179 -2.99 -12.54 23.43
CA SER D 179 -4.25 -12.46 22.73
C SER D 179 -4.52 -13.81 22.05
N SER D 180 -5.79 -14.26 22.06
CA SER D 180 -6.20 -15.36 21.22
C SER D 180 -7.14 -14.72 20.23
N TYR D 181 -7.00 -15.06 18.94
CA TYR D 181 -7.85 -14.47 17.87
C TYR D 181 -8.44 -15.58 17.02
N LEU D 182 -9.75 -15.53 16.76
CA LEU D 182 -10.54 -16.53 16.06
C LEU D 182 -10.99 -15.95 14.75
N SER D 183 -10.41 -16.45 13.63
CA SER D 183 -10.66 -15.85 12.33
C SER D 183 -11.92 -16.47 11.77
N LEU D 184 -13.04 -15.77 11.84
CA LEU D 184 -14.32 -16.29 11.33
C LEU D 184 -14.66 -15.57 10.04
N THR D 185 -15.50 -16.23 9.25
CA THR D 185 -16.12 -15.50 8.17
C THR D 185 -17.36 -14.79 8.73
N PRO D 186 -17.79 -13.71 8.08
CA PRO D 186 -19.02 -13.04 8.52
C PRO D 186 -20.23 -13.93 8.57
N GLU D 187 -20.35 -14.90 7.69
CA GLU D 187 -21.49 -15.80 7.80
C GLU D 187 -21.34 -16.77 8.98
N GLN D 188 -20.10 -17.19 9.31
CA GLN D 188 -19.95 -18.00 10.50
C GLN D 188 -20.34 -17.22 11.75
N TRP D 189 -19.88 -15.97 11.85
CA TRP D 189 -20.27 -15.10 12.98
C TRP D 189 -21.77 -14.97 13.09
N LYS D 190 -22.42 -14.67 11.98
CA LYS D 190 -23.87 -14.40 11.99
C LYS D 190 -24.71 -15.67 12.05
N SER D 191 -24.16 -16.83 11.74
CA SER D 191 -24.93 -18.07 11.83
C SER D 191 -24.98 -18.69 13.24
N HIS D 192 -24.32 -18.11 14.24
CA HIS D 192 -24.37 -18.70 15.57
C HIS D 192 -25.00 -17.74 16.55
N ARG D 193 -25.48 -18.28 17.67
CA ARG D 193 -26.05 -17.42 18.71
C ARG D 193 -24.95 -16.73 19.49
N SER D 194 -23.81 -17.41 19.69
CA SER D 194 -22.70 -16.73 20.36
C SER D 194 -21.39 -17.42 20.04
N TYR D 195 -20.32 -16.75 20.41
CA TYR D 195 -19.01 -17.37 20.55
C TYR D 195 -18.41 -17.05 21.89
N SER D 196 -17.68 -17.99 22.43
CA SER D 196 -17.04 -17.87 23.73
C SER D 196 -15.55 -18.16 23.67
N CYS D 197 -14.85 -17.47 24.55
CA CYS D 197 -13.43 -17.63 24.81
C CYS D 197 -13.28 -18.13 26.24
N GLN D 198 -12.58 -19.26 26.40
CA GLN D 198 -12.36 -19.88 27.68
C GLN D 198 -10.87 -19.90 27.95
N VAL D 199 -10.46 -19.23 29.01
CA VAL D 199 -9.06 -19.11 29.38
C VAL D 199 -8.83 -19.83 30.71
N THR D 200 -7.97 -20.81 30.66
CA THR D 200 -7.56 -21.56 31.84
C THR D 200 -6.17 -21.13 32.27
N HIS D 201 -6.04 -20.90 33.58
CA HIS D 201 -4.79 -20.44 34.19
C HIS D 201 -4.70 -21.00 35.60
N GLU D 202 -3.68 -21.82 35.84
CA GLU D 202 -3.48 -22.45 37.16
C GLU D 202 -4.76 -23.12 37.65
N GLY D 203 -5.32 -23.96 36.79
CA GLY D 203 -6.45 -24.77 37.12
C GLY D 203 -7.74 -24.07 37.35
N SER D 204 -7.84 -22.80 36.94
CA SER D 204 -9.08 -22.03 37.06
C SER D 204 -9.37 -21.44 35.68
N THR D 205 -10.65 -21.48 35.27
CA THR D 205 -11.06 -21.12 33.94
C THR D 205 -12.00 -19.92 34.01
N VAL D 206 -11.75 -18.93 33.16
CA VAL D 206 -12.56 -17.73 33.00
C VAL D 206 -13.14 -17.85 31.60
N GLU D 207 -14.44 -17.70 31.47
CA GLU D 207 -15.15 -17.75 30.19
C GLU D 207 -15.82 -16.41 29.87
N LYS D 208 -15.66 -15.95 28.67
CA LYS D 208 -16.38 -14.81 28.20
C LYS D 208 -17.13 -15.16 26.91
N THR D 209 -18.25 -14.47 26.70
CA THR D 209 -19.16 -14.77 25.57
C THR D 209 -19.59 -13.47 24.90
N VAL D 210 -19.57 -13.42 23.58
CA VAL D 210 -20.18 -12.31 22.83
C VAL D 210 -21.15 -12.89 21.80
N ALA D 211 -21.98 -12.02 21.22
CA ALA D 211 -23.11 -12.43 20.38
C ALA D 211 -23.28 -11.37 19.30
N PRO D 212 -23.80 -11.72 18.13
CA PRO D 212 -23.96 -10.72 17.07
C PRO D 212 -24.97 -9.66 17.43
N THR D 213 -24.74 -8.44 16.95
CA THR D 213 -25.62 -7.31 17.22
C THR D 213 -25.26 -6.15 16.29
N GLU D 214 -26.27 -5.39 15.87
CA GLU D 214 -26.10 -4.12 15.18
C GLU D 214 -27.30 -3.24 15.50
N CYS D 215 -27.06 -1.93 15.56
CA CYS D 215 -28.11 -0.95 15.87
C CYS D 215 -27.61 0.48 15.67
P PO4 E . 1.34 5.32 -34.97
O1 PO4 E . 2.45 4.54 -35.92
O2 PO4 E . 0.34 6.16 -35.80
O3 PO4 E . 0.56 4.21 -34.20
O4 PO4 E . 1.99 6.20 -33.88
P PO4 F . -10.24 -3.28 -44.83
O1 PO4 F . -9.93 -4.50 -45.75
O2 PO4 F . -10.30 -2.03 -45.80
O3 PO4 F . -11.69 -3.46 -44.23
O4 PO4 F . -9.01 -3.08 -43.72
P PO4 G . -29.29 -6.19 -25.93
O1 PO4 G . -30.13 -7.50 -26.18
O2 PO4 G . -29.16 -5.48 -27.33
O3 PO4 G . -30.02 -5.28 -24.86
O4 PO4 G . -27.84 -6.48 -25.34
P PO4 H . -20.43 -21.19 -40.13
O1 PO4 H . -20.80 -22.28 -41.22
O2 PO4 H . -21.02 -19.76 -40.59
O3 PO4 H . -21.16 -21.59 -38.75
O4 PO4 H . -18.88 -21.18 -40.02
C1 A1AHP I . -18.05 -2.47 -25.89
C2 A1AHP I . -19.15 -2.28 -26.70
C3 A1AHP I . -19.01 -2.31 -28.09
C25 A1AHP I . -17.11 -4.78 -22.78
C26 A1AHP I . -15.93 -5.69 -22.57
C6 A1AHP I . -18.86 -2.31 -31.09
C7 A1AHP I . -19.43 -2.80 -32.41
C8 A1AHP I . -20.39 -1.64 -32.72
C11 A1AHP I . -17.99 1.24 -33.19
C10 A1AHP I . -18.42 -0.05 -33.03
C9 A1AHP I . -19.76 -0.37 -32.82
C12 A1AHP I . -18.82 2.34 -33.12
C15 A1AHP I . -21.08 -2.10 -31.30
C16 A1AHP I . -21.30 -2.15 -33.85
C20 A1AHP I . -20.64 -1.93 -24.67
C18 A1AHP I . -21.47 -1.85 -26.93
C17 A1AHP I . -21.36 -1.85 -28.26
C21 A1AHP I . -21.21 -3.19 -23.94
C13 A1AHP I . -20.19 2.06 -32.96
C14 A1AHP I . -20.64 0.75 -32.80
C23 A1AHP I . -19.18 -4.38 -23.37
C28 A1AHP I . -16.86 -4.84 -21.23
C29 A1AHP I . -16.93 -7.44 -20.60
C31 A1AHP I . -16.48 -9.81 -20.24
C32 A1AHP I . -16.83 -9.74 -18.90
C34 A1AHP I . -17.60 -8.16 -17.23
C36 A1AHP I . -17.60 -6.36 -18.45
C37 A1AHP I . -17.19 -7.36 -19.26
C4 A1AHP I . -20.16 -2.08 -28.88
N19 A1AHP I . -20.38 -2.03 -26.17
N22 A1AHP I . -20.45 -4.45 -23.73
N24 A1AHP I . -18.33 -5.46 -23.13
N27 A1AHP I . -16.79 -6.33 -21.38
N30 A1AHP I . -16.50 -8.63 -21.01
N33 A1AHP I . -17.20 -8.47 -18.46
N35 A1AHP I . -17.84 -6.86 -17.23
N5 A1AHP I . -20.11 -2.17 -30.25
O38 A1AHP I . -18.77 -3.26 -23.05
O39 A1AHP I . -22.59 -1.58 -26.42
H12 A1AHP I . -18.06 -1.73 -25.09
H13 A1AHP I . -17.14 -2.36 -26.48
H11 A1AHP I . -18.08 -3.47 -25.47
H3 A1AHP I . -18.05 -2.51 -28.55
H25 A1AHP I . -17.02 -3.87 -23.37
H8B A1AHP I . -15.01 -5.19 -22.26
H26 A1AHP I . -15.72 -6.37 -23.40
H62 A1AHP I . -18.34 -1.36 -31.20
H61 A1AHP I . -18.17 -3.05 -30.67
H72 A1AHP I . -18.66 -2.89 -33.18
H71 A1AHP I . -19.97 -3.74 -32.31
H73 A1AHP I . -16.92 1.41 -33.38
H10 A1AHP I . -17.69 -0.86 -33.08
H74 A1AHP I . -18.44 3.36 -33.19
H76 A1AHP I . -21.53 -3.08 -31.43
H15 A1AHP I . -21.84 -1.37 -31.03
H78 A1AHP I . -22.14 -1.45 -33.98
H16 A1AHP I . -21.69 -3.13 -33.59
H77 A1AHP I . -20.73 -2.21 -34.78
H20 A1AHP I . -21.35 -1.13 -24.49
H79 A1AHP I . -19.69 -1.69 -24.18
H17 A1AHP I . -22.25 -1.68 -28.86
H21 A1AHP I . -22.09 -3.47 -24.50
H8A A1AHP I . -21.49 -2.85 -22.95
H75 A1AHP I . -20.90 2.89 -32.93
H14 A1AHP I . -21.71 0.57 -32.68
H28 A1AHP I . -17.69 -4.48 -20.62
H8C A1AHP I . -15.93 -4.38 -20.89
H31 A1AHP I . -16.19 -10.76 -20.69
H32 A1AHP I . -16.83 -10.62 -18.25
H34 A1AHP I . -17.69 -8.84 -16.38
H36 A1AHP I . -17.73 -5.32 -18.75
H22 A1AHP I . -20.95 -5.30 -23.88
H24 A1AHP I . -18.43 -6.45 -23.26
P PO4 J . 13.56 30.19 1.58
O1 PO4 J . 13.85 29.78 0.16
O2 PO4 J . 13.68 31.69 1.70
O3 PO4 J . 12.17 29.75 1.95
O4 PO4 J . 14.56 29.54 2.50
P PO4 K . 37.98 8.50 13.19
O1 PO4 K . 36.95 7.91 12.16
O2 PO4 K . 37.53 9.98 13.54
O3 PO4 K . 38.17 7.64 14.54
O4 PO4 K . 39.41 8.56 12.47
C1 A1AHP L . 18.92 2.04 25.19
C2 A1AHP L . 20.10 1.78 25.98
C3 A1AHP L . 21.14 0.97 25.54
C25 A1AHP L . 17.02 5.21 23.89
C26 A1AHP L . 16.66 5.62 22.47
C6 A1AHP L . 23.34 -0.89 24.52
C7 A1AHP L . 24.77 -1.05 24.31
C8 A1AHP L . 25.10 -1.85 25.72
C11 A1AHP L . 23.02 -5.00 25.28
C10 A1AHP L . 23.66 -3.81 24.92
C9 A1AHP L . 24.36 -3.08 25.84
C12 A1AHP L . 23.11 -5.48 26.56
C15 A1AHP L . 24.48 -0.47 26.43
C16 A1AHP L . 26.55 -1.90 25.97
C20 A1AHP L . 19.18 3.19 27.84
C18 A1AHP L . 21.29 2.04 28.01
C17 A1AHP L . 22.34 1.26 27.57
C21 A1AHP L . 19.30 4.79 27.88
C13 A1AHP L . 23.85 -4.77 27.54
C14 A1AHP L . 24.45 -3.64 27.13
C23 A1AHP L . 18.31 5.28 25.70
C28 A1AHP L . 15.65 6.05 23.91
C29 A1AHP L . 16.15 8.40 22.71
C31 A1AHP L . 16.63 10.30 21.20
C32 A1AHP L . 15.64 11.08 21.79
C34 A1AHP L . 13.95 10.99 23.54
C36 A1AHP L . 14.26 8.98 24.24
C37 A1AHP L . 15.14 9.17 23.24
C4 A1AHP L . 22.22 0.65 26.31
N19 A1AHP L . 20.22 2.31 27.23
N22 A1AHP L . 19.22 5.60 26.65
N24 A1AHP L . 18.10 5.96 24.47
N27 A1AHP L . 16.31 7.07 23.05
N30 A1AHP L . 16.83 8.96 21.66
N33 A1AHP L . 14.92 10.44 22.83
N35 A1AHP L . 13.54 10.09 24.42
N5 A1AHP L . 23.25 -0.11 25.82
O38 A1AHP L . 17.48 4.42 26.06
O39 A1AHP L . 21.27 2.56 29.14
H12 A1AHP L . 18.05 2.05 25.84
H13 A1AHP L . 18.80 1.25 24.44
H11 A1AHP L . 19.02 3.00 24.69
H3 A1AHP L . 21.08 0.56 24.54
H25 A1AHP L . 17.13 4.17 24.19
H8B A1AHP L . 15.82 5.08 22.04
H26 A1AHP L . 17.50 5.60 21.76
H62 A1AHP L . 22.86 -1.86 24.61
H61 A1AHP L . 22.89 -0.32 23.71
H72 A1AHP L . 24.99 -1.64 23.42
H71 A1AHP L . 25.29 -0.09 24.25
H73 A1AHP L . 22.44 -5.54 24.55
H10 A1AHP L . 23.60 -3.47 23.88
H74 A1AHP L . 22.61 -6.42 26.82
H76 A1AHP L . 25.18 0.34 26.30
H15 A1AHP L . 24.31 -0.66 27.48
H78 A1AHP L . 26.75 -2.21 26.98
H16 A1AHP L . 26.98 -0.90 25.80
H77 A1AHP L . 27.01 -2.61 25.27
H20 A1AHP L . 19.09 2.90 28.88
H79 A1AHP L . 18.25 3.00 27.31
H17 A1AHP L . 23.24 1.13 28.18
H21 A1AHP L . 20.27 5.01 28.33
H8A A1AHP L . 18.50 5.14 28.53
H75 A1AHP L . 23.94 -5.12 28.57
H14 A1AHP L . 25.04 -3.09 27.87
H28 A1AHP L . 15.35 6.40 24.90
H8C A1AHP L . 14.81 5.54 23.45
H31 A1AHP L . 17.24 10.71 20.39
H32 A1AHP L . 15.44 12.10 21.49
H34 A1AHP L . 13.55 12.01 23.43
H36 A1AHP L . 14.15 8.05 24.81
H22 A1AHP L . 19.86 6.37 26.57
H24 A1AHP L . 18.61 6.68 24.02
P PO4 M . 25.61 8.26 32.32
O1 PO4 M . 25.55 7.06 33.33
O2 PO4 M . 24.50 8.01 31.19
O3 PO4 M . 25.26 9.52 33.19
O4 PO4 M . 27.06 8.34 31.70
#